data_8RX4
#
_entry.id   8RX4
#
_cell.length_a   128.813
_cell.length_b   64.996
_cell.length_c   137.536
_cell.angle_alpha   90.00
_cell.angle_beta   100.44
_cell.angle_gamma   90.00
#
_symmetry.space_group_name_H-M   'C 1 2 1'
#
loop_
_entity.id
_entity.type
_entity.pdbx_description
1 polymer 'Mycothione reductase'
2 non-polymer 'FLAVIN-ADENINE DINUCLEOTIDE'
3 non-polymer 'NADP NICOTINAMIDE-ADENINE-DINUCLEOTIDE PHOSPHATE'
4 water water
#
_entity_poly.entity_id   1
_entity_poly.type   'polypeptide(L)'
_entity_poly.pdbx_seq_one_letter_code
;METYDLAIIGTGSGNSILDERYAGKRVAICEQGTFGGTCLNVGCIPTKMFVYAAEVAQTVRGAARYGVDAHIDRVRWDDI
VSRIFGRIDPIAISGEDYRRSSPNIDVYAQHTRFGPVQPDGRYLLRTDLGDEFTAEQVVIAAGSRPMIPPAILACGVEYH
TSDTIMRIAELPEHLVIVGGGFVAAEFAHIFSALGVRITLVIRGGTLLRHADDTICERFTRLASTKWELRSHRNVVGAHH
KGSQIVLELDDGSTVRADTVLVATGRMPNGDLLDAEQAGIDLDESRVVVDEYQRTCARNVFALGDVSSPYELKHVANHEA
RVVQHNLLCDWDDTESMVMTDHRYVPSAVFTDPPVASVGMTENQAVAKGFDILCAIQDYGDVAYGWAMEDTTGIVKIIAE
RGSGRLLGAHIMGHQASSIIQPLIQAMSFGLTAQQMARGQYWIHPALPEVVENALLNLR
;
_entity_poly.pdbx_strand_id   A,B
#
loop_
_chem_comp.id
_chem_comp.type
_chem_comp.name
_chem_comp.formula
FAD non-polymer 'FLAVIN-ADENINE DINUCLEOTIDE' 'C27 H33 N9 O15 P2'
NAP non-polymer 'NADP NICOTINAMIDE-ADENINE-DINUCLEOTIDE PHOSPHATE' 'C21 H28 N7 O17 P3'
#
# COMPACT_ATOMS: atom_id res chain seq x y z
N MET A 1 -13.09 -53.56 4.60
CA MET A 1 -12.53 -52.25 4.97
C MET A 1 -11.82 -51.61 3.78
N GLU A 2 -11.87 -50.28 3.72
CA GLU A 2 -11.26 -49.55 2.62
C GLU A 2 -9.81 -49.20 2.95
N THR A 3 -8.95 -49.32 1.94
CA THR A 3 -7.53 -49.07 2.07
C THR A 3 -7.16 -47.78 1.33
N TYR A 4 -6.34 -46.94 1.96
CA TYR A 4 -5.94 -45.66 1.39
C TYR A 4 -4.43 -45.46 1.55
N ASP A 5 -3.84 -44.75 0.58
CA ASP A 5 -2.42 -44.43 0.67
C ASP A 5 -2.18 -43.24 1.59
N LEU A 6 -3.08 -42.27 1.59
CA LEU A 6 -2.93 -41.06 2.39
C LEU A 6 -4.28 -40.67 2.97
N ALA A 7 -4.25 -40.06 4.14
CA ALA A 7 -5.46 -39.55 4.79
C ALA A 7 -5.17 -38.16 5.34
N ILE A 8 -6.02 -37.19 5.01
CA ILE A 8 -5.87 -35.81 5.43
C ILE A 8 -7.09 -35.43 6.26
N ILE A 9 -6.86 -34.98 7.49
CA ILE A 9 -7.92 -34.54 8.38
C ILE A 9 -7.96 -33.02 8.35
N GLY A 10 -9.03 -32.46 7.78
CA GLY A 10 -9.16 -31.01 7.68
C GLY A 10 -8.98 -30.50 6.26
N THR A 11 -9.92 -29.66 5.82
CA THR A 11 -9.91 -29.10 4.47
C THR A 11 -9.59 -27.60 4.45
N GLY A 12 -8.84 -27.12 5.44
CA GLY A 12 -8.30 -25.78 5.38
C GLY A 12 -7.05 -25.78 4.53
N SER A 13 -5.90 -25.45 5.14
CA SER A 13 -4.65 -25.58 4.41
C SER A 13 -4.38 -27.02 4.00
N GLY A 14 -4.91 -27.99 4.77
CA GLY A 14 -4.76 -29.39 4.45
C GLY A 14 -5.31 -29.79 3.09
N ASN A 15 -6.19 -28.98 2.51
CA ASN A 15 -6.68 -29.21 1.16
C ASN A 15 -5.68 -28.83 0.09
N SER A 16 -4.59 -28.15 0.44
CA SER A 16 -3.61 -27.68 -0.53
C SER A 16 -2.41 -28.61 -0.66
N ILE A 17 -2.49 -29.83 -0.13
CA ILE A 17 -1.36 -30.75 -0.25
C ILE A 17 -1.36 -31.42 -1.62
N LEU A 18 -2.53 -31.78 -2.14
CA LEU A 18 -2.63 -32.57 -3.34
C LEU A 18 -2.19 -31.79 -4.58
N ASP A 19 -1.29 -32.38 -5.36
CA ASP A 19 -0.79 -31.79 -6.61
C ASP A 19 -0.59 -32.95 -7.59
N GLU A 20 -0.04 -32.64 -8.76
CA GLU A 20 0.11 -33.64 -9.82
C GLU A 20 0.82 -34.90 -9.33
N ARG A 21 1.78 -34.75 -8.42
CA ARG A 21 2.53 -35.89 -7.88
C ARG A 21 1.68 -36.79 -6.97
N TYR A 22 0.41 -36.47 -6.75
CA TYR A 22 -0.44 -37.30 -5.91
C TYR A 22 -1.54 -38.00 -6.69
N ALA A 23 -1.81 -37.58 -7.93
CA ALA A 23 -2.73 -38.30 -8.80
C ALA A 23 -2.22 -39.71 -9.00
N GLY A 24 -3.07 -40.69 -8.73
CA GLY A 24 -2.66 -42.08 -8.72
C GLY A 24 -2.54 -42.65 -7.33
N LYS A 25 -2.81 -41.86 -6.30
CA LYS A 25 -2.82 -42.31 -4.92
C LYS A 25 -4.24 -42.17 -4.39
N ARG A 26 -4.77 -43.22 -3.78
CA ARG A 26 -6.10 -43.16 -3.19
C ARG A 26 -6.01 -42.47 -1.83
N VAL A 27 -6.67 -41.33 -1.71
CA VAL A 27 -6.56 -40.47 -0.54
C VAL A 27 -7.94 -40.29 0.08
N ALA A 28 -7.98 -40.21 1.39
CA ALA A 28 -9.21 -39.97 2.14
C ALA A 28 -9.15 -38.60 2.80
N ILE A 29 -10.21 -37.81 2.61
CA ILE A 29 -10.29 -36.44 3.11
C ILE A 29 -11.44 -36.35 4.10
N CYS A 30 -11.16 -35.79 5.28
CA CYS A 30 -12.11 -35.76 6.39
C CYS A 30 -12.39 -34.33 6.80
N GLU A 31 -13.66 -33.94 6.79
CA GLU A 31 -14.07 -32.60 7.16
C GLU A 31 -15.29 -32.67 8.07
N GLN A 32 -15.14 -32.21 9.31
CA GLN A 32 -16.25 -32.20 10.26
C GLN A 32 -17.27 -31.14 9.89
N GLY A 33 -16.83 -29.89 9.75
CA GLY A 33 -17.72 -28.79 9.40
C GLY A 33 -17.82 -28.53 7.91
N THR A 34 -17.79 -27.26 7.53
CA THR A 34 -17.92 -26.88 6.13
C THR A 34 -16.58 -26.99 5.40
N PHE A 35 -16.65 -27.42 4.14
CA PHE A 35 -15.45 -27.56 3.32
C PHE A 35 -14.77 -26.22 3.11
N GLY A 36 -13.45 -26.23 3.13
CA GLY A 36 -12.65 -25.04 2.94
C GLY A 36 -11.96 -24.53 4.18
N GLY A 37 -12.34 -24.99 5.37
CA GLY A 37 -11.66 -24.58 6.58
C GLY A 37 -12.16 -23.25 7.15
N THR A 38 -11.41 -22.76 8.14
CA THR A 38 -11.81 -21.57 8.89
C THR A 38 -11.63 -20.29 8.09
N CYS A 39 -10.50 -20.17 7.39
CA CYS A 39 -10.18 -18.91 6.71
C CYS A 39 -11.26 -18.49 5.72
N LEU A 40 -11.74 -19.44 4.91
CA LEU A 40 -12.68 -19.08 3.86
C LEU A 40 -14.08 -18.79 4.39
N ASN A 41 -14.55 -19.56 5.37
CA ASN A 41 -15.95 -19.48 5.75
C ASN A 41 -16.21 -18.62 6.99
N VAL A 42 -15.30 -18.58 7.96
CA VAL A 42 -15.61 -17.92 9.23
C VAL A 42 -14.38 -17.18 9.74
N GLY A 43 -13.45 -16.86 8.84
CA GLY A 43 -12.20 -16.26 9.26
C GLY A 43 -11.74 -15.13 8.36
N CYS A 44 -10.54 -15.29 7.78
CA CYS A 44 -9.85 -14.19 7.10
C CYS A 44 -10.70 -13.55 5.99
N ILE A 45 -11.17 -14.36 5.05
CA ILE A 45 -11.84 -13.84 3.86
C ILE A 45 -13.12 -13.08 4.24
N PRO A 46 -14.08 -13.68 4.95
CA PRO A 46 -15.31 -12.92 5.23
C PRO A 46 -15.07 -11.72 6.14
N THR A 47 -14.20 -11.87 7.13
CA THR A 47 -13.95 -10.77 8.07
C THR A 47 -13.43 -9.54 7.34
N LYS A 48 -12.44 -9.72 6.47
CA LYS A 48 -11.88 -8.55 5.80
C LYS A 48 -12.89 -7.94 4.84
N MET A 49 -13.75 -8.75 4.22
CA MET A 49 -14.85 -8.19 3.46
C MET A 49 -15.75 -7.33 4.34
N PHE A 50 -15.98 -7.77 5.59
CA PHE A 50 -16.74 -6.94 6.51
C PHE A 50 -15.96 -5.70 6.90
N VAL A 51 -14.63 -5.81 7.01
CA VAL A 51 -13.82 -4.65 7.38
C VAL A 51 -13.87 -3.58 6.30
N TYR A 52 -13.87 -4.01 5.03
CA TYR A 52 -13.89 -3.03 3.94
C TYR A 52 -15.20 -2.26 3.92
N ALA A 53 -16.33 -2.95 4.08
CA ALA A 53 -17.61 -2.24 4.12
C ALA A 53 -17.67 -1.28 5.29
N ALA A 54 -17.11 -1.70 6.44
CA ALA A 54 -17.07 -0.82 7.60
C ALA A 54 -16.24 0.42 7.33
N GLU A 55 -15.09 0.27 6.66
CA GLU A 55 -14.24 1.42 6.45
C GLU A 55 -14.83 2.37 5.42
N VAL A 56 -15.62 1.85 4.49
CA VAL A 56 -16.35 2.70 3.55
C VAL A 56 -17.33 3.60 4.30
N ALA A 57 -18.06 3.05 5.27
CA ALA A 57 -18.98 3.86 6.05
C ALA A 57 -18.25 4.83 6.97
N GLN A 58 -17.11 4.41 7.52
CA GLN A 58 -16.28 5.33 8.30
C GLN A 58 -15.85 6.54 7.46
N THR A 59 -15.57 6.30 6.17
CA THR A 59 -15.19 7.40 5.29
C THR A 59 -16.32 8.41 5.13
N VAL A 60 -17.56 7.93 4.96
CA VAL A 60 -18.69 8.84 4.85
C VAL A 60 -18.83 9.66 6.12
N ARG A 61 -18.58 9.04 7.27
CA ARG A 61 -18.81 9.71 8.55
C ARG A 61 -17.85 10.87 8.74
N GLY A 62 -16.60 10.73 8.32
CA GLY A 62 -15.60 11.76 8.54
C GLY A 62 -15.27 12.58 7.31
N ALA A 63 -16.20 12.60 6.35
CA ALA A 63 -15.97 13.26 5.07
C ALA A 63 -15.93 14.78 5.19
N ALA A 64 -16.54 15.34 6.23
CA ALA A 64 -16.57 16.79 6.36
C ALA A 64 -15.19 17.39 6.62
N ARG A 65 -14.26 16.60 7.20
CA ARG A 65 -12.91 17.10 7.42
C ARG A 65 -12.21 17.45 6.10
N TYR A 66 -12.60 16.80 5.01
CA TYR A 66 -11.99 17.03 3.72
C TYR A 66 -12.83 17.96 2.85
N GLY A 67 -13.92 18.52 3.39
CA GLY A 67 -14.74 19.45 2.64
C GLY A 67 -15.89 18.81 1.88
N VAL A 68 -16.21 17.56 2.15
CA VAL A 68 -17.33 16.88 1.52
C VAL A 68 -18.37 16.59 2.60
N ASP A 69 -19.55 17.18 2.45
CA ASP A 69 -20.63 16.98 3.41
C ASP A 69 -21.45 15.77 2.99
N ALA A 70 -21.47 14.74 3.84
CA ALA A 70 -22.23 13.52 3.55
C ALA A 70 -22.81 12.97 4.84
N HIS A 71 -23.70 11.98 4.68
CA HIS A 71 -24.27 11.26 5.82
C HIS A 71 -24.75 9.90 5.35
N ILE A 72 -24.93 9.00 6.30
CA ILE A 72 -25.35 7.63 6.02
C ILE A 72 -26.87 7.55 6.11
N ASP A 73 -27.50 7.08 5.03
CA ASP A 73 -28.95 6.91 5.01
C ASP A 73 -29.37 5.62 5.70
N ARG A 74 -28.85 4.48 5.23
CA ARG A 74 -29.22 3.18 5.77
C ARG A 74 -28.04 2.22 5.66
N VAL A 75 -27.94 1.31 6.62
CA VAL A 75 -26.94 0.24 6.60
C VAL A 75 -27.70 -1.04 6.30
N ARG A 76 -27.65 -1.49 5.05
CA ARG A 76 -28.37 -2.71 4.64
C ARG A 76 -27.59 -3.94 5.08
N TRP A 77 -27.62 -4.19 6.40
CA TRP A 77 -26.84 -5.28 6.98
C TRP A 77 -27.19 -6.62 6.35
N ASP A 78 -28.47 -6.88 6.11
CA ASP A 78 -28.86 -8.11 5.44
C ASP A 78 -28.20 -8.23 4.07
N ASP A 79 -28.10 -7.10 3.34
CA ASP A 79 -27.47 -7.12 2.02
C ASP A 79 -25.96 -7.27 2.11
N ILE A 80 -25.35 -6.71 3.15
CA ILE A 80 -23.92 -6.89 3.38
C ILE A 80 -23.61 -8.35 3.64
N VAL A 81 -24.35 -8.97 4.58
CA VAL A 81 -24.15 -10.37 4.90
C VAL A 81 -24.38 -11.24 3.67
N SER A 82 -25.45 -10.95 2.91
CA SER A 82 -25.79 -11.78 1.76
C SER A 82 -24.77 -11.62 0.64
N ARG A 83 -24.25 -10.41 0.46
CA ARG A 83 -23.25 -10.20 -0.59
C ARG A 83 -21.97 -10.97 -0.28
N ILE A 84 -21.54 -10.95 0.98
CA ILE A 84 -20.29 -11.59 1.37
C ILE A 84 -20.42 -13.11 1.28
N PHE A 85 -21.34 -13.69 2.07
CA PHE A 85 -21.53 -15.13 2.07
C PHE A 85 -22.22 -15.64 0.82
N GLY A 86 -22.78 -14.75 0.00
CA GLY A 86 -23.31 -15.17 -1.29
C GLY A 86 -22.23 -15.58 -2.27
N ARG A 87 -21.01 -15.06 -2.09
CA ARG A 87 -19.89 -15.51 -2.90
C ARG A 87 -19.08 -16.59 -2.22
N ILE A 88 -19.11 -16.65 -0.88
CA ILE A 88 -18.32 -17.63 -0.15
C ILE A 88 -18.99 -18.99 -0.15
N ASP A 89 -20.28 -19.02 0.15
CA ASP A 89 -20.98 -20.30 0.31
C ASP A 89 -20.93 -21.19 -0.94
N PRO A 90 -21.08 -20.69 -2.16
CA PRO A 90 -20.93 -21.58 -3.32
C PRO A 90 -19.53 -22.14 -3.48
N ILE A 91 -18.50 -21.42 -3.03
CA ILE A 91 -17.13 -21.89 -3.18
C ILE A 91 -16.89 -23.10 -2.32
N ALA A 92 -17.40 -23.11 -1.09
CA ALA A 92 -17.25 -24.28 -0.24
C ALA A 92 -17.97 -25.50 -0.80
N ILE A 93 -19.12 -25.28 -1.45
CA ILE A 93 -19.89 -26.39 -2.03
C ILE A 93 -19.19 -26.91 -3.27
N SER A 94 -18.82 -26.01 -4.19
CA SER A 94 -18.14 -26.44 -5.41
C SER A 94 -16.80 -27.09 -5.08
N GLY A 95 -16.08 -26.53 -4.11
CA GLY A 95 -14.80 -27.12 -3.71
C GLY A 95 -14.97 -28.51 -3.12
N GLU A 96 -16.09 -28.75 -2.46
CA GLU A 96 -16.39 -30.09 -1.97
C GLU A 96 -16.75 -31.02 -3.14
N ASP A 97 -17.47 -30.48 -4.12
CA ASP A 97 -17.85 -31.28 -5.29
C ASP A 97 -16.65 -31.64 -6.16
N TYR A 98 -15.57 -30.86 -6.09
CA TYR A 98 -14.40 -31.17 -6.91
C TYR A 98 -13.68 -32.41 -6.38
N ARG A 99 -13.56 -32.53 -5.07
CA ARG A 99 -12.92 -33.71 -4.50
C ARG A 99 -13.84 -34.93 -4.57
N ARG A 100 -15.15 -34.73 -4.36
CA ARG A 100 -16.07 -35.86 -4.41
C ARG A 100 -16.12 -36.49 -5.80
N SER A 101 -16.09 -35.66 -6.84
CA SER A 101 -16.18 -36.16 -8.21
C SER A 101 -14.84 -36.67 -8.74
N SER A 102 -13.85 -36.89 -7.87
CA SER A 102 -12.59 -37.46 -8.33
C SER A 102 -12.57 -38.95 -8.05
N PRO A 103 -12.17 -39.76 -9.02
CA PRO A 103 -12.24 -41.22 -8.82
C PRO A 103 -11.33 -41.73 -7.72
N ASN A 104 -10.18 -41.09 -7.51
CA ASN A 104 -9.22 -41.56 -6.52
C ASN A 104 -9.41 -40.94 -5.14
N ILE A 105 -10.38 -40.04 -4.98
CA ILE A 105 -10.58 -39.28 -3.75
C ILE A 105 -11.92 -39.68 -3.15
N ASP A 106 -11.93 -39.95 -1.85
CA ASP A 106 -13.16 -40.25 -1.10
C ASP A 106 -13.27 -39.27 0.06
N VAL A 107 -14.41 -38.56 0.13
CA VAL A 107 -14.64 -37.52 1.12
C VAL A 107 -15.47 -38.08 2.25
N TYR A 108 -15.02 -37.89 3.49
CA TYR A 108 -15.73 -38.33 4.69
C TYR A 108 -16.13 -37.09 5.47
N ALA A 109 -17.41 -36.75 5.44
CA ALA A 109 -17.91 -35.52 6.06
C ALA A 109 -18.23 -35.69 7.54
N GLN A 110 -17.40 -36.41 8.28
CA GLN A 110 -17.63 -36.66 9.70
C GLN A 110 -16.38 -36.33 10.49
N HIS A 111 -16.55 -36.19 11.80
CA HIS A 111 -15.41 -36.03 12.70
C HIS A 111 -14.65 -37.34 12.78
N THR A 112 -13.38 -37.31 12.41
CA THR A 112 -12.56 -38.52 12.31
C THR A 112 -11.55 -38.57 13.45
N ARG A 113 -11.39 -39.75 14.04
CA ARG A 113 -10.47 -39.96 15.14
C ARG A 113 -9.51 -41.09 14.80
N PHE A 114 -8.36 -41.09 15.49
CA PHE A 114 -7.35 -42.10 15.31
C PHE A 114 -7.75 -43.39 16.03
N GLY A 115 -7.66 -44.51 15.33
CA GLY A 115 -7.85 -45.81 15.93
C GLY A 115 -6.53 -46.44 16.30
N PRO A 116 -6.55 -47.70 16.70
CA PRO A 116 -5.30 -48.38 17.06
C PRO A 116 -4.45 -48.68 15.84
N VAL A 117 -3.12 -48.66 16.05
CA VAL A 117 -2.19 -48.90 14.96
C VAL A 117 -2.22 -50.37 14.57
N GLN A 118 -2.36 -50.63 13.27
CA GLN A 118 -2.43 -51.99 12.77
C GLN A 118 -1.07 -52.67 12.81
N PRO A 119 -1.05 -54.02 12.74
CA PRO A 119 0.25 -54.72 12.78
C PRO A 119 1.19 -54.32 11.66
N ASP A 120 0.69 -54.15 10.44
CA ASP A 120 1.55 -53.81 9.29
C ASP A 120 2.10 -52.39 9.35
N GLY A 121 1.85 -51.65 10.42
CA GLY A 121 2.31 -50.29 10.56
C GLY A 121 1.34 -49.23 10.06
N ARG A 122 0.26 -49.61 9.38
CA ARG A 122 -0.72 -48.66 8.91
C ARG A 122 -1.57 -48.12 10.06
N TYR A 123 -2.28 -47.03 9.81
CA TYR A 123 -3.09 -46.35 10.81
C TYR A 123 -4.56 -46.56 10.52
N LEU A 124 -5.34 -46.92 11.54
CA LEU A 124 -6.78 -47.07 11.42
C LEU A 124 -7.46 -45.77 11.88
N LEU A 125 -8.44 -45.32 11.09
CA LEU A 125 -9.21 -44.12 11.42
C LEU A 125 -10.69 -44.45 11.36
N ARG A 126 -11.43 -43.99 12.37
CA ARG A 126 -12.87 -44.21 12.44
C ARG A 126 -13.58 -42.88 12.67
N THR A 127 -14.77 -42.76 12.08
CA THR A 127 -15.57 -41.56 12.18
C THR A 127 -16.59 -41.70 13.30
N ASP A 128 -17.36 -40.64 13.53
CA ASP A 128 -18.43 -40.64 14.51
C ASP A 128 -19.61 -41.51 14.08
N LEU A 129 -19.68 -41.92 12.82
CA LEU A 129 -20.72 -42.82 12.35
C LEU A 129 -20.29 -44.28 12.39
N GLY A 130 -19.07 -44.57 12.86
CA GLY A 130 -18.59 -45.93 12.95
C GLY A 130 -18.05 -46.49 11.67
N ASP A 131 -17.62 -45.63 10.74
CA ASP A 131 -17.00 -46.08 9.50
C ASP A 131 -15.49 -46.08 9.71
N GLU A 132 -14.87 -47.22 9.48
CA GLU A 132 -13.44 -47.37 9.69
C GLU A 132 -12.73 -47.61 8.37
N PHE A 133 -11.46 -47.23 8.31
CA PHE A 133 -10.60 -47.49 7.17
C PHE A 133 -9.15 -47.31 7.61
N THR A 134 -8.23 -47.74 6.76
CA THR A 134 -6.81 -47.66 7.05
C THR A 134 -6.10 -46.74 6.06
N ALA A 135 -4.92 -46.27 6.45
CA ALA A 135 -4.11 -45.39 5.61
C ALA A 135 -2.65 -45.53 5.98
N GLU A 136 -1.79 -45.53 4.96
CA GLU A 136 -0.35 -45.66 5.22
C GLU A 136 0.24 -44.35 5.73
N GLN A 137 -0.19 -43.22 5.17
CA GLN A 137 0.26 -41.90 5.60
C GLN A 137 -0.93 -41.05 6.02
N VAL A 138 -0.71 -40.19 7.00
CA VAL A 138 -1.78 -39.36 7.58
C VAL A 138 -1.25 -37.95 7.78
N VAL A 139 -2.09 -36.96 7.44
CA VAL A 139 -1.81 -35.56 7.72
C VAL A 139 -2.86 -35.04 8.67
N ILE A 140 -2.41 -34.36 9.72
CA ILE A 140 -3.29 -33.75 10.71
C ILE A 140 -3.29 -32.25 10.44
N ALA A 141 -4.41 -31.74 9.95
CA ALA A 141 -4.63 -30.32 9.73
C ALA A 141 -5.95 -29.90 10.34
N ALA A 142 -6.15 -30.27 11.61
CA ALA A 142 -7.43 -30.12 12.29
C ALA A 142 -7.70 -28.72 12.81
N GLY A 143 -6.73 -27.81 12.70
CA GLY A 143 -6.96 -26.41 13.03
C GLY A 143 -7.16 -26.17 14.52
N SER A 144 -7.98 -25.16 14.82
CA SER A 144 -8.21 -24.75 16.20
C SER A 144 -9.68 -24.42 16.39
N ARG A 145 -10.05 -24.15 17.64
CA ARG A 145 -11.42 -23.82 18.03
C ARG A 145 -11.39 -22.77 19.13
N PRO A 146 -12.45 -21.97 19.25
CA PRO A 146 -12.42 -20.85 20.20
C PRO A 146 -12.36 -21.32 21.65
N MET A 147 -11.57 -20.61 22.44
CA MET A 147 -11.50 -20.83 23.88
C MET A 147 -12.52 -19.93 24.56
N ILE A 148 -13.30 -20.49 25.46
CA ILE A 148 -14.36 -19.76 26.16
C ILE A 148 -14.10 -19.83 27.63
N PRO A 149 -14.06 -18.71 28.36
CA PRO A 149 -13.77 -18.77 29.78
C PRO A 149 -14.82 -19.57 30.50
N PRO A 150 -14.45 -20.25 31.58
CA PRO A 150 -15.37 -21.21 32.22
C PRO A 150 -16.67 -20.59 32.70
N ALA A 151 -16.59 -19.36 33.24
CA ALA A 151 -17.77 -18.78 33.87
C ALA A 151 -18.91 -18.58 32.87
N ILE A 152 -18.57 -18.26 31.61
CA ILE A 152 -19.61 -18.06 30.60
C ILE A 152 -20.22 -19.40 30.20
N LEU A 153 -19.39 -20.44 30.12
CA LEU A 153 -19.91 -21.77 29.84
C LEU A 153 -20.77 -22.29 30.99
N ALA A 154 -20.31 -22.08 32.23
CA ALA A 154 -21.06 -22.60 33.37
C ALA A 154 -22.46 -21.99 33.43
N CYS A 155 -22.58 -20.69 33.08
CA CYS A 155 -23.86 -20.01 33.18
C CYS A 155 -24.82 -20.38 32.06
N GLY A 156 -24.38 -21.15 31.06
CA GLY A 156 -25.26 -21.62 30.00
C GLY A 156 -25.94 -20.52 29.21
N VAL A 157 -25.38 -19.33 29.22
CA VAL A 157 -26.00 -18.20 28.55
C VAL A 157 -25.63 -18.24 27.08
N GLU A 158 -26.51 -17.68 26.24
CA GLU A 158 -26.25 -17.64 24.81
C GLU A 158 -25.16 -16.62 24.49
N TYR A 159 -24.25 -16.98 23.60
CA TYR A 159 -23.13 -16.10 23.25
C TYR A 159 -22.83 -16.23 21.76
N HIS A 160 -21.91 -15.39 21.30
CA HIS A 160 -21.42 -15.46 19.93
C HIS A 160 -19.90 -15.61 19.95
N THR A 161 -19.38 -16.29 18.93
CA THR A 161 -17.95 -16.35 18.63
C THR A 161 -17.70 -15.87 17.21
N SER A 162 -16.43 -15.89 16.79
CA SER A 162 -16.11 -15.53 15.41
C SER A 162 -16.89 -16.38 14.41
N ASP A 163 -17.25 -17.60 14.81
CA ASP A 163 -17.93 -18.53 13.92
C ASP A 163 -19.41 -18.22 13.75
N THR A 164 -19.99 -17.31 14.53
CA THR A 164 -21.42 -17.07 14.44
C THR A 164 -21.72 -15.59 14.24
N ILE A 165 -20.86 -14.71 14.74
CA ILE A 165 -21.20 -13.30 14.83
C ILE A 165 -21.41 -12.68 13.45
N MET A 166 -20.76 -13.22 12.42
CA MET A 166 -20.86 -12.58 11.11
C MET A 166 -22.20 -12.83 10.43
N ARG A 167 -23.05 -13.69 11.00
CA ARG A 167 -24.34 -13.99 10.39
C ARG A 167 -25.50 -13.67 11.34
N ILE A 168 -25.29 -12.71 12.25
CA ILE A 168 -26.37 -12.29 13.12
C ILE A 168 -27.51 -11.74 12.27
N ALA A 169 -28.74 -11.89 12.79
CA ALA A 169 -29.93 -11.56 12.01
C ALA A 169 -29.95 -10.08 11.62
N GLU A 170 -29.82 -9.20 12.61
CA GLU A 170 -29.75 -7.77 12.35
C GLU A 170 -28.71 -7.16 13.27
N LEU A 171 -28.28 -5.96 12.92
CA LEU A 171 -27.25 -5.29 13.70
C LEU A 171 -27.75 -4.94 15.09
N PRO A 172 -27.04 -5.35 16.14
CA PRO A 172 -27.38 -4.92 17.49
C PRO A 172 -27.09 -3.45 17.71
N GLU A 173 -27.55 -2.94 18.84
CA GLU A 173 -27.28 -1.56 19.22
C GLU A 173 -26.15 -1.44 20.23
N HIS A 174 -25.97 -2.43 21.06
CA HIS A 174 -24.84 -2.50 21.98
C HIS A 174 -24.28 -3.92 21.94
N LEU A 175 -22.97 -4.03 21.80
CA LEU A 175 -22.31 -5.33 21.73
C LEU A 175 -21.14 -5.34 22.70
N VAL A 176 -21.13 -6.33 23.61
CA VAL A 176 -19.99 -6.59 24.48
C VAL A 176 -19.06 -7.56 23.79
N ILE A 177 -17.77 -7.30 23.92
CA ILE A 177 -16.74 -8.24 23.52
C ILE A 177 -15.90 -8.53 24.74
N VAL A 178 -15.73 -9.81 25.06
CA VAL A 178 -14.84 -10.23 26.13
C VAL A 178 -13.52 -10.62 25.49
N GLY A 179 -12.43 -10.04 25.99
CA GLY A 179 -11.12 -10.25 25.42
C GLY A 179 -10.65 -9.02 24.64
N GLY A 180 -9.34 -8.94 24.45
CA GLY A 180 -8.77 -7.83 23.71
C GLY A 180 -7.62 -8.23 22.80
N GLY A 181 -7.85 -9.23 21.96
CA GLY A 181 -6.82 -9.68 21.03
C GLY A 181 -7.12 -9.29 19.58
N PHE A 182 -6.58 -10.07 18.63
CA PHE A 182 -6.76 -9.75 17.22
C PHE A 182 -8.23 -9.78 16.83
N VAL A 183 -8.97 -10.80 17.30
CA VAL A 183 -10.38 -10.91 16.94
C VAL A 183 -11.19 -9.77 17.54
N ALA A 184 -10.88 -9.39 18.78
CA ALA A 184 -11.64 -8.33 19.43
C ALA A 184 -11.47 -7.00 18.73
N ALA A 185 -10.22 -6.64 18.38
CA ALA A 185 -9.98 -5.36 17.74
C ALA A 185 -10.71 -5.26 16.41
N GLU A 186 -10.60 -6.32 15.58
CA GLU A 186 -11.20 -6.29 14.25
C GLU A 186 -12.72 -6.20 14.34
N PHE A 187 -13.35 -7.04 15.17
CA PHE A 187 -14.80 -7.04 15.22
C PHE A 187 -15.35 -5.82 15.94
N ALA A 188 -14.58 -5.25 16.88
CA ALA A 188 -14.97 -3.97 17.46
C ALA A 188 -14.95 -2.87 16.41
N HIS A 189 -13.95 -2.89 15.52
CA HIS A 189 -13.90 -1.91 14.45
C HIS A 189 -15.07 -2.11 13.48
N ILE A 190 -15.34 -3.36 13.09
CA ILE A 190 -16.39 -3.62 12.12
C ILE A 190 -17.74 -3.09 12.58
N PHE A 191 -18.15 -3.48 13.80
CA PHE A 191 -19.51 -3.16 14.23
C PHE A 191 -19.65 -1.70 14.66
N SER A 192 -18.65 -1.15 15.34
CA SER A 192 -18.73 0.26 15.73
C SER A 192 -18.82 1.17 14.51
N ALA A 193 -18.05 0.87 13.47
CA ALA A 193 -18.15 1.66 12.25
C ALA A 193 -19.53 1.56 11.62
N LEU A 194 -20.26 0.49 11.88
CA LEU A 194 -21.60 0.35 11.34
C LEU A 194 -22.67 0.87 12.30
N GLY A 195 -22.28 1.54 13.39
CA GLY A 195 -23.23 2.19 14.26
C GLY A 195 -23.39 1.56 15.62
N VAL A 196 -22.91 0.32 15.82
CA VAL A 196 -23.10 -0.37 17.08
C VAL A 196 -22.25 0.27 18.17
N ARG A 197 -22.83 0.46 19.35
CA ARG A 197 -22.05 0.80 20.52
C ARG A 197 -21.27 -0.43 20.98
N ILE A 198 -20.07 -0.20 21.50
CA ILE A 198 -19.12 -1.26 21.81
C ILE A 198 -18.67 -1.15 23.26
N THR A 199 -18.66 -2.28 23.96
CA THR A 199 -18.05 -2.38 25.27
C THR A 199 -17.03 -3.51 25.23
N LEU A 200 -15.83 -3.27 25.75
CA LEU A 200 -14.77 -4.27 25.80
C LEU A 200 -14.50 -4.64 27.26
N VAL A 201 -14.47 -5.93 27.53
CA VAL A 201 -14.14 -6.45 28.86
C VAL A 201 -12.85 -7.24 28.72
N ILE A 202 -11.78 -6.75 29.35
CA ILE A 202 -10.47 -7.37 29.22
C ILE A 202 -9.90 -7.59 30.60
N ARG A 203 -9.24 -8.73 30.79
CA ARG A 203 -8.64 -9.03 32.08
C ARG A 203 -7.35 -8.25 32.30
N GLY A 204 -6.78 -7.65 31.26
CA GLY A 204 -5.60 -6.84 31.37
C GLY A 204 -5.92 -5.36 31.31
N GLY A 205 -4.87 -4.57 31.14
CA GLY A 205 -5.06 -3.13 31.03
C GLY A 205 -4.96 -2.59 29.62
N THR A 206 -4.47 -3.39 28.67
CA THR A 206 -4.18 -2.90 27.34
C THR A 206 -4.79 -3.80 26.27
N LEU A 207 -4.83 -3.28 25.05
CA LEU A 207 -5.33 -4.01 23.88
C LEU A 207 -4.13 -4.40 23.03
N LEU A 208 -4.26 -5.53 22.32
CA LEU A 208 -3.18 -6.07 21.50
C LEU A 208 -1.87 -6.12 22.29
N ARG A 209 -1.91 -6.94 23.34
CA ARG A 209 -0.90 -6.91 24.40
C ARG A 209 0.50 -7.21 23.86
N HIS A 210 0.60 -8.13 22.92
CA HIS A 210 1.89 -8.60 22.44
C HIS A 210 2.47 -7.72 21.34
N ALA A 211 1.80 -6.64 20.96
CA ALA A 211 2.36 -5.75 19.97
C ALA A 211 3.54 -4.98 20.58
N ASP A 212 4.22 -4.22 19.73
CA ASP A 212 5.30 -3.38 20.22
C ASP A 212 4.77 -2.37 21.24
N ASP A 213 5.63 -2.01 22.19
CA ASP A 213 5.24 -1.12 23.29
C ASP A 213 4.58 0.15 22.78
N THR A 214 5.20 0.80 21.79
CA THR A 214 4.64 2.05 21.27
C THR A 214 3.26 1.82 20.68
N ILE A 215 3.08 0.74 19.91
CA ILE A 215 1.81 0.50 19.26
C ILE A 215 0.74 0.16 20.28
N CYS A 216 1.06 -0.74 21.21
CA CYS A 216 0.09 -1.17 22.21
C CYS A 216 -0.43 0.02 23.02
N GLU A 217 0.49 0.85 23.52
CA GLU A 217 0.06 2.01 24.29
C GLU A 217 -0.84 2.92 23.46
N ARG A 218 -0.32 3.40 22.32
CA ARG A 218 -1.06 4.38 21.53
C ARG A 218 -2.36 3.80 21.02
N PHE A 219 -2.37 2.54 20.60
CA PHE A 219 -3.63 1.96 20.12
C PHE A 219 -4.67 1.90 21.24
N THR A 220 -4.23 1.58 22.46
CA THR A 220 -5.17 1.45 23.56
C THR A 220 -5.76 2.81 23.93
N ARG A 221 -4.93 3.86 23.95
CA ARG A 221 -5.42 5.19 24.26
C ARG A 221 -6.42 5.67 23.22
N LEU A 222 -6.18 5.39 21.95
CA LEU A 222 -7.14 5.77 20.91
C LEU A 222 -8.43 4.98 21.06
N ALA A 223 -8.32 3.68 21.36
CA ALA A 223 -9.50 2.84 21.51
C ALA A 223 -10.35 3.30 22.70
N SER A 224 -9.71 3.75 23.77
CA SER A 224 -10.44 4.11 24.98
C SER A 224 -11.42 5.26 24.74
N THR A 225 -11.15 6.11 23.74
CA THR A 225 -11.99 7.28 23.49
C THR A 225 -13.12 7.03 22.50
N LYS A 226 -13.16 5.86 21.86
CA LYS A 226 -14.26 5.54 20.96
C LYS A 226 -15.00 4.27 21.33
N TRP A 227 -14.39 3.37 22.11
CA TRP A 227 -15.06 2.21 22.68
C TRP A 227 -14.89 2.22 24.19
N GLU A 228 -15.88 1.65 24.89
CA GLU A 228 -15.87 1.61 26.34
C GLU A 228 -14.99 0.47 26.82
N LEU A 229 -13.95 0.79 27.59
CA LEU A 229 -12.98 -0.19 28.07
C LEU A 229 -13.19 -0.46 29.55
N ARG A 230 -13.49 -1.71 29.89
CA ARG A 230 -13.56 -2.16 31.29
C ARG A 230 -12.27 -2.95 31.55
N SER A 231 -11.24 -2.23 31.98
CA SER A 231 -9.92 -2.83 32.20
C SER A 231 -9.90 -3.69 33.47
N HIS A 232 -9.01 -4.69 33.46
CA HIS A 232 -8.74 -5.51 34.64
C HIS A 232 -10.01 -6.12 35.21
N ARG A 233 -10.76 -6.81 34.35
CA ARG A 233 -12.05 -7.35 34.73
C ARG A 233 -12.25 -8.71 34.09
N ASN A 234 -12.63 -9.69 34.91
CA ASN A 234 -13.05 -10.99 34.41
C ASN A 234 -14.56 -11.12 34.57
N VAL A 235 -15.14 -11.99 33.77
CA VAL A 235 -16.56 -12.27 33.87
C VAL A 235 -16.73 -13.45 34.81
N VAL A 236 -17.52 -13.26 35.86
CA VAL A 236 -17.79 -14.30 36.85
C VAL A 236 -19.24 -14.75 36.84
N GLY A 237 -20.10 -14.10 36.05
CA GLY A 237 -21.48 -14.48 35.94
C GLY A 237 -22.10 -13.80 34.75
N ALA A 238 -23.19 -14.39 34.25
CA ALA A 238 -23.91 -13.87 33.11
C ALA A 238 -25.30 -14.49 33.09
N HIS A 239 -26.28 -13.70 32.64
CA HIS A 239 -27.65 -14.17 32.57
C HIS A 239 -28.39 -13.33 31.55
N HIS A 240 -29.58 -13.81 31.16
CA HIS A 240 -30.39 -13.16 30.15
C HIS A 240 -31.35 -12.17 30.78
N LYS A 241 -31.87 -11.27 29.94
CA LYS A 241 -32.91 -10.32 30.36
C LYS A 241 -33.67 -9.91 29.09
N GLY A 242 -34.86 -10.46 28.92
CA GLY A 242 -35.61 -10.24 27.69
C GLY A 242 -34.83 -10.69 26.48
N SER A 243 -34.30 -9.73 25.72
CA SER A 243 -33.38 -10.01 24.63
C SER A 243 -31.98 -9.51 24.91
N GLN A 244 -31.71 -9.07 26.13
CA GLN A 244 -30.42 -8.51 26.50
C GLN A 244 -29.58 -9.51 27.28
N ILE A 245 -28.30 -9.19 27.41
CA ILE A 245 -27.34 -10.00 28.17
C ILE A 245 -26.83 -9.12 29.29
N VAL A 246 -26.63 -9.71 30.46
CA VAL A 246 -26.00 -9.01 31.58
C VAL A 246 -24.73 -9.76 31.95
N LEU A 247 -23.65 -9.02 32.13
CA LEU A 247 -22.36 -9.59 32.50
C LEU A 247 -22.03 -9.12 33.90
N GLU A 248 -21.87 -10.06 34.82
CA GLU A 248 -21.43 -9.75 36.17
C GLU A 248 -19.91 -9.88 36.20
N LEU A 249 -19.25 -8.86 36.71
CA LEU A 249 -17.80 -8.79 36.70
C LEU A 249 -17.23 -9.07 38.09
N ASP A 250 -15.92 -9.31 38.13
CA ASP A 250 -15.27 -9.78 39.35
C ASP A 250 -15.31 -8.77 40.48
N ASP A 251 -15.52 -7.49 40.18
CA ASP A 251 -15.59 -6.45 41.20
C ASP A 251 -17.02 -6.01 41.48
N GLY A 252 -18.01 -6.80 41.07
CA GLY A 252 -19.39 -6.41 41.24
C GLY A 252 -19.96 -5.51 40.17
N SER A 253 -19.14 -5.11 39.19
CA SER A 253 -19.62 -4.31 38.07
C SER A 253 -20.56 -5.14 37.19
N THR A 254 -21.39 -4.43 36.42
CA THR A 254 -22.30 -5.06 35.49
C THR A 254 -22.09 -4.45 34.10
N VAL A 255 -22.35 -5.24 33.06
CA VAL A 255 -22.39 -4.77 31.68
C VAL A 255 -23.65 -5.36 31.04
N ARG A 256 -24.56 -4.49 30.61
CA ARG A 256 -25.80 -4.91 29.97
C ARG A 256 -25.77 -4.50 28.50
N ALA A 257 -26.07 -5.45 27.61
CA ALA A 257 -26.09 -5.19 26.18
C ALA A 257 -26.98 -6.23 25.48
N ASP A 258 -27.09 -6.11 24.16
CA ASP A 258 -28.04 -6.92 23.40
C ASP A 258 -27.48 -8.31 23.10
N THR A 259 -26.17 -8.41 22.84
CA THR A 259 -25.51 -9.67 22.53
C THR A 259 -24.09 -9.61 23.10
N VAL A 260 -23.44 -10.76 23.14
CA VAL A 260 -22.07 -10.85 23.63
C VAL A 260 -21.23 -11.61 22.61
N LEU A 261 -19.98 -11.19 22.45
CA LEU A 261 -19.03 -11.85 21.57
C LEU A 261 -17.82 -12.26 22.40
N VAL A 262 -17.45 -13.52 22.33
CA VAL A 262 -16.32 -14.02 23.10
C VAL A 262 -15.12 -14.11 22.17
N ALA A 263 -14.14 -13.27 22.43
CA ALA A 263 -12.93 -13.30 21.63
C ALA A 263 -11.73 -13.53 22.53
N THR A 264 -11.71 -14.66 23.24
CA THR A 264 -10.70 -14.93 24.25
C THR A 264 -9.71 -16.01 23.80
N GLY A 265 -9.34 -15.97 22.51
CA GLY A 265 -8.34 -16.88 21.99
C GLY A 265 -8.95 -18.14 21.41
N ARG A 266 -8.07 -18.96 20.84
CA ARG A 266 -8.45 -20.25 20.26
C ARG A 266 -7.55 -21.35 20.83
N MET A 267 -7.98 -22.60 20.63
CA MET A 267 -7.32 -23.78 21.18
C MET A 267 -7.09 -24.80 20.07
N PRO A 268 -5.88 -25.34 19.94
CA PRO A 268 -5.62 -26.37 18.93
C PRO A 268 -6.51 -27.59 19.12
N ASN A 269 -6.90 -28.21 18.01
CA ASN A 269 -7.80 -29.36 18.03
C ASN A 269 -7.06 -30.69 18.06
N GLY A 270 -5.87 -30.74 18.65
CA GLY A 270 -5.15 -32.00 18.74
C GLY A 270 -5.64 -32.94 19.81
N ASP A 271 -6.50 -32.48 20.70
CA ASP A 271 -7.05 -33.29 21.78
C ASP A 271 -8.29 -34.06 21.37
N LEU A 272 -8.93 -33.71 20.25
CA LEU A 272 -10.12 -34.42 19.80
C LEU A 272 -9.81 -35.54 18.81
N LEU A 273 -8.63 -36.14 18.91
CA LEU A 273 -8.18 -37.10 17.91
C LEU A 273 -7.76 -38.45 18.45
N ASP A 274 -7.66 -38.64 19.77
CA ASP A 274 -7.02 -39.81 20.37
C ASP A 274 -5.59 -39.95 19.83
N ALA A 275 -4.86 -38.85 19.85
CA ALA A 275 -3.56 -38.80 19.18
C ALA A 275 -2.49 -39.56 19.93
N GLU A 276 -2.43 -39.41 21.25
CA GLU A 276 -1.31 -39.98 22.01
C GLU A 276 -1.31 -41.50 21.98
N GLN A 277 -2.48 -42.14 21.86
CA GLN A 277 -2.52 -43.59 21.79
C GLN A 277 -1.80 -44.11 20.55
N ALA A 278 -1.79 -43.34 19.47
CA ALA A 278 -1.13 -43.75 18.23
C ALA A 278 0.30 -43.24 18.12
N GLY A 279 0.87 -42.73 19.22
CA GLY A 279 2.23 -42.24 19.22
C GLY A 279 2.40 -40.80 18.80
N ILE A 280 1.32 -40.04 18.71
CA ILE A 280 1.37 -38.62 18.33
C ILE A 280 1.46 -37.81 19.62
N ASP A 281 2.69 -37.38 19.96
CA ASP A 281 2.90 -36.59 21.16
C ASP A 281 2.11 -35.29 21.12
N LEU A 282 1.49 -34.95 22.24
CA LEU A 282 0.72 -33.72 22.37
C LEU A 282 1.35 -32.82 23.43
N ASP A 283 1.38 -31.52 23.15
CA ASP A 283 1.68 -30.50 24.16
C ASP A 283 0.36 -29.83 24.49
N GLU A 284 -0.26 -30.27 25.60
CA GLU A 284 -1.63 -29.93 25.95
C GLU A 284 -2.57 -30.37 24.83
N SER A 285 -3.00 -29.45 23.98
CA SER A 285 -3.83 -29.83 22.84
C SER A 285 -3.13 -29.62 21.50
N ARG A 286 -1.86 -29.24 21.52
CA ARG A 286 -1.11 -28.97 20.30
C ARG A 286 -0.32 -30.21 19.90
N VAL A 287 -0.46 -30.62 18.64
CA VAL A 287 0.35 -31.70 18.11
C VAL A 287 1.80 -31.22 18.00
N VAL A 288 2.73 -32.04 18.48
CA VAL A 288 4.15 -31.70 18.45
C VAL A 288 4.73 -32.12 17.11
N VAL A 289 5.55 -31.26 16.52
CA VAL A 289 6.22 -31.52 15.26
C VAL A 289 7.66 -31.03 15.36
N ASP A 290 8.52 -31.60 14.51
CA ASP A 290 9.90 -31.15 14.41
C ASP A 290 10.01 -30.10 13.31
N GLU A 291 11.23 -29.81 12.90
CA GLU A 291 11.49 -28.83 11.84
C GLU A 291 11.02 -29.29 10.48
N TYR A 292 10.48 -30.51 10.36
CA TYR A 292 10.00 -31.04 9.09
C TYR A 292 8.50 -31.27 9.08
N GLN A 293 7.77 -30.71 10.04
CA GLN A 293 6.34 -30.96 10.22
C GLN A 293 6.04 -32.43 10.51
N ARG A 294 7.04 -33.19 10.95
CA ARG A 294 6.85 -34.59 11.33
C ARG A 294 6.45 -34.67 12.79
N THR A 295 5.40 -35.45 13.08
CA THR A 295 5.04 -35.77 14.45
C THR A 295 5.96 -36.87 14.95
N CYS A 296 5.69 -37.38 16.15
CA CYS A 296 6.50 -38.46 16.69
C CYS A 296 6.07 -39.83 16.18
N ALA A 297 4.88 -39.94 15.60
CA ALA A 297 4.43 -41.17 14.97
C ALA A 297 4.92 -41.24 13.53
N ARG A 298 5.31 -42.43 13.09
CA ARG A 298 5.88 -42.60 11.76
C ARG A 298 4.83 -42.39 10.67
N ASN A 299 5.22 -41.67 9.62
CA ASN A 299 4.37 -41.38 8.46
C ASN A 299 3.14 -40.58 8.83
N VAL A 300 3.28 -39.72 9.85
CA VAL A 300 2.20 -38.85 10.30
C VAL A 300 2.74 -37.43 10.33
N PHE A 301 2.13 -36.56 9.52
CA PHE A 301 2.50 -35.16 9.46
C PHE A 301 1.39 -34.29 10.05
N ALA A 302 1.78 -33.10 10.48
CA ALA A 302 0.84 -32.10 10.98
C ALA A 302 1.24 -30.73 10.47
N LEU A 303 0.25 -29.84 10.38
CA LEU A 303 0.47 -28.48 9.89
C LEU A 303 -0.66 -27.59 10.40
N GLY A 304 -0.41 -26.29 10.36
CA GLY A 304 -1.45 -25.32 10.65
C GLY A 304 -1.67 -25.00 12.11
N ASP A 305 -2.90 -24.60 12.46
CA ASP A 305 -3.19 -24.20 13.84
C ASP A 305 -3.02 -25.37 14.82
N VAL A 306 -3.18 -26.61 14.35
CA VAL A 306 -3.12 -27.76 15.24
C VAL A 306 -1.72 -27.96 15.82
N SER A 307 -0.69 -27.36 15.23
CA SER A 307 0.68 -27.58 15.67
C SER A 307 1.57 -26.35 15.62
N SER A 308 1.28 -25.35 14.79
CA SER A 308 2.22 -24.27 14.56
C SER A 308 2.22 -23.27 15.72
N PRO A 309 3.36 -22.64 15.99
CA PRO A 309 3.37 -21.52 16.95
C PRO A 309 2.74 -20.24 16.42
N TYR A 310 2.25 -20.23 15.17
CA TYR A 310 1.60 -19.07 14.57
C TYR A 310 0.20 -19.47 14.12
N GLU A 311 -0.79 -18.65 14.45
CA GLU A 311 -2.16 -18.84 13.93
C GLU A 311 -2.39 -17.86 12.78
N LEU A 312 -1.70 -18.13 11.66
CA LEU A 312 -1.73 -17.26 10.51
C LEU A 312 -1.83 -18.09 9.24
N LYS A 313 -2.67 -17.63 8.30
CA LYS A 313 -2.92 -18.41 7.11
C LYS A 313 -1.67 -18.53 6.24
N HIS A 314 -0.89 -17.46 6.13
CA HIS A 314 0.28 -17.54 5.27
C HIS A 314 1.36 -18.44 5.86
N VAL A 315 1.34 -18.68 7.17
CA VAL A 315 2.22 -19.67 7.76
C VAL A 315 1.66 -21.07 7.53
N ALA A 316 0.34 -21.25 7.71
CA ALA A 316 -0.26 -22.56 7.51
C ALA A 316 -0.12 -23.03 6.06
N ASN A 317 -0.19 -22.09 5.10
CA ASN A 317 -0.02 -22.48 3.70
C ASN A 317 1.41 -22.90 3.41
N HIS A 318 2.38 -22.20 4.01
CA HIS A 318 3.78 -22.59 3.83
C HIS A 318 4.07 -23.94 4.50
N GLU A 319 3.43 -24.21 5.65
CA GLU A 319 3.65 -25.49 6.31
C GLU A 319 3.04 -26.64 5.52
N ALA A 320 1.89 -26.40 4.88
CA ALA A 320 1.31 -27.42 4.01
C ALA A 320 2.20 -27.70 2.81
N ARG A 321 2.86 -26.67 2.27
CA ARG A 321 3.78 -26.87 1.17
C ARG A 321 4.97 -27.73 1.59
N VAL A 322 5.46 -27.52 2.82
CA VAL A 322 6.52 -28.37 3.36
C VAL A 322 6.01 -29.81 3.46
N VAL A 323 4.79 -29.99 3.97
CA VAL A 323 4.24 -31.34 4.08
C VAL A 323 4.03 -31.95 2.69
N GLN A 324 3.59 -31.14 1.73
CA GLN A 324 3.37 -31.63 0.38
C GLN A 324 4.64 -32.25 -0.19
N HIS A 325 5.79 -31.65 0.10
CA HIS A 325 7.07 -32.15 -0.37
C HIS A 325 7.54 -33.34 0.47
N ASN A 326 7.48 -33.21 1.80
CA ASN A 326 8.06 -34.23 2.67
C ASN A 326 7.27 -35.53 2.67
N LEU A 327 6.02 -35.52 2.19
CA LEU A 327 5.26 -36.76 2.09
C LEU A 327 5.80 -37.67 0.99
N LEU A 328 6.51 -37.12 0.01
CA LEU A 328 7.03 -37.87 -1.12
C LEU A 328 8.50 -38.23 -0.93
N CYS A 329 8.98 -38.24 0.32
CA CYS A 329 10.33 -38.66 0.64
C CYS A 329 10.24 -39.76 1.69
N ASP A 330 11.31 -40.55 1.78
CA ASP A 330 11.36 -41.57 2.82
C ASP A 330 11.34 -40.91 4.19
N TRP A 331 10.61 -41.52 5.13
CA TRP A 331 10.42 -40.91 6.43
C TRP A 331 11.74 -40.65 7.13
N ASP A 332 12.77 -41.45 6.88
CA ASP A 332 14.03 -41.30 7.58
C ASP A 332 15.07 -40.53 6.78
N ASP A 333 14.81 -40.26 5.50
CA ASP A 333 15.73 -39.49 4.67
C ASP A 333 15.47 -38.00 4.88
N THR A 334 15.83 -37.55 6.10
CA THR A 334 15.49 -36.20 6.50
C THR A 334 16.24 -35.16 5.67
N GLU A 335 17.38 -35.51 5.12
CA GLU A 335 18.19 -34.53 4.39
C GLU A 335 17.76 -34.35 2.95
N SER A 336 16.85 -35.17 2.45
CA SER A 336 16.14 -34.88 1.22
C SER A 336 14.84 -34.12 1.48
N MET A 337 14.48 -33.92 2.75
CA MET A 337 13.27 -33.21 3.14
C MET A 337 13.58 -31.75 3.40
N VAL A 338 12.57 -30.89 3.23
CA VAL A 338 12.71 -29.45 3.41
C VAL A 338 12.23 -29.05 4.80
N MET A 339 12.83 -27.98 5.32
CA MET A 339 12.51 -27.45 6.65
C MET A 339 11.58 -26.24 6.56
N THR A 340 10.78 -26.07 7.60
CA THR A 340 9.88 -24.92 7.67
C THR A 340 10.66 -23.65 7.96
N ASP A 341 10.23 -22.54 7.38
CA ASP A 341 10.89 -21.24 7.51
C ASP A 341 9.98 -20.31 8.29
N HIS A 342 10.30 -20.11 9.57
CA HIS A 342 9.60 -19.17 10.44
C HIS A 342 10.44 -17.93 10.73
N ARG A 343 11.41 -17.63 9.87
CA ARG A 343 12.44 -16.66 10.20
C ARG A 343 11.89 -15.23 10.31
N TYR A 344 10.96 -14.83 9.42
CA TYR A 344 10.46 -13.46 9.40
C TYR A 344 8.96 -13.47 9.12
N VAL A 345 8.19 -13.93 10.10
CA VAL A 345 6.74 -14.06 10.00
C VAL A 345 6.09 -12.71 10.27
N PRO A 346 5.26 -12.21 9.35
CA PRO A 346 4.56 -10.94 9.59
C PRO A 346 3.13 -11.16 10.03
N SER A 347 2.50 -10.08 10.52
CA SER A 347 1.12 -10.17 10.93
C SER A 347 0.50 -8.78 10.85
N ALA A 348 -0.83 -8.76 10.79
CA ALA A 348 -1.58 -7.51 10.68
C ALA A 348 -2.91 -7.66 11.42
N VAL A 349 -3.39 -6.54 11.95
CA VAL A 349 -4.70 -6.49 12.61
C VAL A 349 -5.56 -5.49 11.85
N PHE A 350 -6.64 -5.97 11.24
CA PHE A 350 -7.48 -5.12 10.41
C PHE A 350 -8.52 -4.42 11.30
N THR A 351 -7.99 -3.57 12.18
CA THR A 351 -8.77 -2.73 13.06
C THR A 351 -8.57 -1.26 12.66
N ASP A 352 -9.07 -0.35 13.50
CA ASP A 352 -8.90 1.08 13.27
C ASP A 352 -8.16 1.69 14.45
N PRO A 353 -6.95 2.22 14.25
CA PRO A 353 -6.16 2.24 13.02
C PRO A 353 -5.58 0.87 12.71
N PRO A 354 -5.32 0.55 11.44
CA PRO A 354 -4.73 -0.75 11.11
C PRO A 354 -3.32 -0.87 11.70
N VAL A 355 -2.94 -2.12 12.00
CA VAL A 355 -1.64 -2.43 12.60
C VAL A 355 -0.99 -3.55 11.80
N ALA A 356 0.33 -3.46 11.62
CA ALA A 356 1.08 -4.50 10.95
C ALA A 356 2.46 -4.59 11.59
N SER A 357 3.04 -5.79 11.59
CA SER A 357 4.28 -6.05 12.31
C SER A 357 5.08 -7.15 11.64
N VAL A 358 6.39 -7.07 11.79
CA VAL A 358 7.28 -8.15 11.39
C VAL A 358 8.57 -7.99 12.18
N GLY A 359 9.18 -9.12 12.54
CA GLY A 359 10.43 -9.07 13.27
C GLY A 359 10.20 -8.81 14.76
N MET A 360 11.24 -8.31 15.41
CA MET A 360 11.23 -8.10 16.85
C MET A 360 10.64 -6.74 17.22
N THR A 361 10.00 -6.69 18.39
CA THR A 361 9.66 -5.42 19.01
C THR A 361 10.92 -4.75 19.54
N GLU A 362 10.77 -3.50 19.99
CA GLU A 362 11.90 -2.82 20.60
C GLU A 362 12.38 -3.56 21.85
N ASN A 363 11.45 -3.95 22.72
CA ASN A 363 11.83 -4.65 23.95
C ASN A 363 12.50 -5.98 23.64
N GLN A 364 12.03 -6.69 22.61
CA GLN A 364 12.62 -7.98 22.28
C GLN A 364 14.08 -7.83 21.85
N ALA A 365 14.40 -6.74 21.14
CA ALA A 365 15.77 -6.55 20.66
C ALA A 365 16.70 -6.15 21.80
N VAL A 366 16.24 -5.26 22.68
CA VAL A 366 17.06 -4.89 23.83
C VAL A 366 17.25 -6.09 24.75
N ALA A 367 16.18 -6.85 25.00
CA ALA A 367 16.31 -8.01 25.87
C ALA A 367 17.22 -9.07 25.27
N LYS A 368 17.45 -9.05 23.96
CA LYS A 368 18.40 -9.97 23.35
C LYS A 368 19.79 -9.36 23.22
N GLY A 369 20.05 -8.26 23.90
CA GLY A 369 21.37 -7.64 23.89
C GLY A 369 21.77 -6.95 22.60
N PHE A 370 20.83 -6.33 21.91
CA PHE A 370 21.11 -5.63 20.66
C PHE A 370 21.38 -4.16 20.95
N ASP A 371 22.42 -3.63 20.30
CA ASP A 371 22.63 -2.19 20.27
C ASP A 371 21.77 -1.65 19.13
N ILE A 372 20.65 -1.00 19.48
CA ILE A 372 19.60 -0.73 18.50
C ILE A 372 19.64 0.71 18.05
N LEU A 373 19.30 0.93 16.78
CA LEU A 373 18.86 2.23 16.30
C LEU A 373 17.34 2.21 16.18
N CYS A 374 16.70 3.32 16.50
CA CYS A 374 15.25 3.34 16.53
C CYS A 374 14.74 4.65 15.95
N ALA A 375 13.55 4.60 15.36
CA ALA A 375 12.90 5.78 14.84
C ALA A 375 11.40 5.56 14.87
N ILE A 376 10.67 6.62 15.19
CA ILE A 376 9.21 6.64 15.07
C ILE A 376 8.84 7.76 14.11
N GLN A 377 8.18 7.41 13.02
CA GLN A 377 7.88 8.34 11.94
C GLN A 377 6.38 8.61 11.90
N ASP A 378 6.00 9.87 12.05
CA ASP A 378 4.61 10.26 11.96
C ASP A 378 4.17 10.33 10.51
N TYR A 379 2.95 9.85 10.23
CA TYR A 379 2.38 10.03 8.90
C TYR A 379 2.31 11.51 8.55
N GLY A 380 2.05 12.36 9.55
CA GLY A 380 1.88 13.78 9.30
C GLY A 380 3.13 14.51 8.85
N ASP A 381 4.30 13.87 8.93
CA ASP A 381 5.56 14.47 8.48
C ASP A 381 5.89 14.13 7.02
N VAL A 382 4.92 13.66 6.25
CA VAL A 382 5.14 13.24 4.87
C VAL A 382 3.94 13.69 4.04
N ALA A 383 4.20 14.01 2.76
CA ALA A 383 3.21 14.70 1.94
C ALA A 383 1.90 13.93 1.85
N TYR A 384 1.97 12.60 1.70
CA TYR A 384 0.72 11.84 1.65
C TYR A 384 -0.04 11.93 2.97
N GLY A 385 0.67 12.13 4.07
CA GLY A 385 0.01 12.33 5.35
C GLY A 385 -0.71 13.67 5.43
N TRP A 386 -0.20 14.68 4.72
CA TRP A 386 -0.88 15.96 4.64
C TRP A 386 -2.23 15.81 3.94
N ALA A 387 -2.25 15.11 2.80
CA ALA A 387 -3.49 14.89 2.09
C ALA A 387 -4.51 14.11 2.93
N MET A 388 -4.05 13.36 3.93
CA MET A 388 -4.95 12.64 4.82
C MET A 388 -5.31 13.44 6.06
N GLU A 389 -4.61 14.54 6.33
CA GLU A 389 -4.72 15.27 7.60
C GLU A 389 -4.49 14.31 8.76
N ASP A 390 -3.49 13.46 8.62
CA ASP A 390 -3.24 12.40 9.57
C ASP A 390 -2.49 12.92 10.79
N THR A 391 -2.96 12.52 11.97
CA THR A 391 -2.34 12.91 13.23
C THR A 391 -1.98 11.75 14.14
N THR A 392 -2.35 10.51 13.79
CA THR A 392 -2.06 9.37 14.63
C THR A 392 -1.19 8.30 13.98
N GLY A 393 -1.11 8.27 12.65
CA GLY A 393 -0.37 7.21 11.99
C GLY A 393 1.11 7.28 12.30
N ILE A 394 1.71 6.10 12.54
CA ILE A 394 3.14 6.01 12.81
C ILE A 394 3.70 4.74 12.20
N VAL A 395 5.01 4.77 11.94
CA VAL A 395 5.77 3.61 11.55
C VAL A 395 7.05 3.62 12.38
N LYS A 396 7.30 2.51 13.07
CA LYS A 396 8.43 2.40 13.98
C LYS A 396 9.37 1.33 13.44
N ILE A 397 10.66 1.66 13.35
CA ILE A 397 11.66 0.76 12.81
C ILE A 397 12.78 0.63 13.83
N ILE A 398 13.24 -0.60 14.05
CA ILE A 398 14.36 -0.90 14.92
C ILE A 398 15.45 -1.54 14.10
N ALA A 399 16.69 -1.07 14.27
CA ALA A 399 17.81 -1.59 13.49
C ALA A 399 19.04 -1.73 14.38
N GLU A 400 19.91 -2.67 14.01
CA GLU A 400 21.16 -2.85 14.72
C GLU A 400 22.13 -1.73 14.35
N ARG A 401 22.79 -1.16 15.36
CA ARG A 401 23.67 -0.01 15.12
C ARG A 401 24.87 -0.39 14.26
N GLY A 402 25.44 -1.57 14.48
CA GLY A 402 26.63 -1.95 13.75
C GLY A 402 26.44 -2.04 12.25
N SER A 403 25.67 -3.03 11.81
CA SER A 403 25.56 -3.37 10.41
C SER A 403 24.49 -2.58 9.67
N GLY A 404 23.53 -1.99 10.38
CA GLY A 404 22.36 -1.47 9.71
C GLY A 404 21.33 -2.52 9.40
N ARG A 405 21.47 -3.72 9.97
CA ARG A 405 20.52 -4.80 9.75
C ARG A 405 19.14 -4.42 10.29
N LEU A 406 18.10 -4.80 9.55
CA LEU A 406 16.74 -4.53 9.99
C LEU A 406 16.30 -5.60 10.99
N LEU A 407 15.84 -5.16 12.15
CA LEU A 407 15.45 -6.05 13.23
C LEU A 407 13.95 -6.12 13.46
N GLY A 408 13.23 -5.02 13.29
CA GLY A 408 11.80 -5.03 13.49
C GLY A 408 11.14 -3.82 12.87
N ALA A 409 9.88 -3.99 12.50
CA ALA A 409 9.09 -2.88 12.00
C ALA A 409 7.64 -3.09 12.42
N HIS A 410 7.01 -2.01 12.89
CA HIS A 410 5.65 -2.05 13.40
C HIS A 410 4.96 -0.76 12.99
N ILE A 411 3.84 -0.89 12.29
CA ILE A 411 3.12 0.24 11.71
C ILE A 411 1.72 0.28 12.30
N MET A 412 1.28 1.47 12.70
CA MET A 412 -0.10 1.73 13.09
C MET A 412 -0.61 2.87 12.23
N GLY A 413 -1.41 2.58 11.22
CA GLY A 413 -1.95 3.63 10.38
C GLY A 413 -2.53 3.08 9.09
N HIS A 414 -2.90 4.02 8.22
CA HIS A 414 -3.53 3.69 6.96
C HIS A 414 -2.63 2.78 6.13
N GLN A 415 -3.23 1.72 5.56
CA GLN A 415 -2.56 0.78 4.65
C GLN A 415 -1.36 0.09 5.30
N ALA A 416 -1.47 -0.21 6.60
CA ALA A 416 -0.35 -0.80 7.34
C ALA A 416 0.09 -2.12 6.72
N SER A 417 -0.85 -3.03 6.47
CA SER A 417 -0.47 -4.32 5.90
C SER A 417 0.08 -4.21 4.48
N SER A 418 -0.03 -3.04 3.84
CA SER A 418 0.56 -2.84 2.51
C SER A 418 2.00 -2.31 2.59
N ILE A 419 2.18 -1.16 3.22
CA ILE A 419 3.46 -0.45 3.17
C ILE A 419 4.52 -1.13 4.02
N ILE A 420 4.14 -2.18 4.74
CA ILE A 420 5.13 -2.95 5.49
C ILE A 420 5.81 -4.01 4.62
N GLN A 421 5.23 -4.36 3.46
CA GLN A 421 5.83 -5.39 2.61
C GLN A 421 7.28 -5.12 2.22
N PRO A 422 7.69 -3.89 1.87
CA PRO A 422 9.12 -3.68 1.61
C PRO A 422 10.00 -3.97 2.82
N LEU A 423 9.51 -3.68 4.03
CA LEU A 423 10.29 -3.99 5.23
C LEU A 423 10.36 -5.51 5.45
N ILE A 424 9.28 -6.23 5.14
CA ILE A 424 9.34 -7.68 5.14
C ILE A 424 10.41 -8.16 4.17
N GLN A 425 10.39 -7.63 2.94
CA GLN A 425 11.34 -8.05 1.92
C GLN A 425 12.77 -7.78 2.35
N ALA A 426 13.05 -6.57 2.85
CA ALA A 426 14.41 -6.22 3.26
C ALA A 426 14.93 -7.17 4.34
N MET A 427 14.09 -7.51 5.31
CA MET A 427 14.56 -8.40 6.37
C MET A 427 14.82 -9.80 5.84
N SER A 428 13.91 -10.32 5.00
CA SER A 428 14.06 -11.68 4.51
C SER A 428 15.29 -11.86 3.62
N PHE A 429 15.87 -10.77 3.10
CA PHE A 429 17.00 -10.89 2.20
C PHE A 429 18.22 -10.08 2.66
N GLY A 430 18.24 -9.65 3.93
CA GLY A 430 19.43 -9.03 4.46
C GLY A 430 19.76 -7.67 3.88
N LEU A 431 18.77 -6.95 3.37
CA LEU A 431 18.99 -5.58 2.96
C LEU A 431 19.17 -4.69 4.18
N THR A 432 20.19 -3.84 4.15
CA THR A 432 20.42 -2.95 5.28
C THR A 432 19.52 -1.73 5.19
N ALA A 433 19.47 -0.98 6.30
CA ALA A 433 18.63 0.21 6.35
C ALA A 433 19.18 1.31 5.44
N GLN A 434 20.51 1.42 5.34
CA GLN A 434 21.09 2.42 4.45
C GLN A 434 20.77 2.11 2.98
N GLN A 435 21.01 0.85 2.56
CA GLN A 435 20.71 0.47 1.19
C GLN A 435 19.24 0.69 0.86
N MET A 436 18.35 0.24 1.76
CA MET A 436 16.92 0.32 1.47
C MET A 436 16.46 1.76 1.33
N ALA A 437 17.04 2.67 2.12
CA ALA A 437 16.61 4.07 2.09
C ALA A 437 17.07 4.79 0.82
N ARG A 438 18.33 4.56 0.40
CA ARG A 438 18.89 5.36 -0.67
C ARG A 438 19.40 4.54 -1.86
N GLY A 439 19.27 3.23 -1.85
CA GLY A 439 19.59 2.45 -3.03
C GLY A 439 18.43 2.23 -3.97
N GLN A 440 17.35 2.98 -3.78
CA GLN A 440 16.16 2.84 -4.61
C GLN A 440 15.40 4.14 -4.53
N TYR A 441 14.57 4.39 -5.53
CA TYR A 441 13.72 5.57 -5.58
C TYR A 441 12.41 5.31 -4.86
N TRP A 442 11.84 6.37 -4.29
CA TRP A 442 10.51 6.35 -3.68
C TRP A 442 9.63 7.36 -4.40
N ILE A 443 8.46 6.92 -4.84
CA ILE A 443 7.57 7.77 -5.64
C ILE A 443 7.04 8.91 -4.78
N HIS A 444 7.23 10.14 -5.25
CA HIS A 444 6.67 11.33 -4.61
C HIS A 444 5.31 11.65 -5.20
N PRO A 445 4.31 11.99 -4.36
CA PRO A 445 4.30 11.95 -2.90
C PRO A 445 3.46 10.78 -2.44
N ALA A 446 3.88 9.55 -2.74
CA ALA A 446 3.10 8.38 -2.39
C ALA A 446 3.31 8.01 -0.91
N LEU A 447 2.47 7.11 -0.42
CA LEU A 447 2.53 6.74 1.00
C LEU A 447 3.85 6.11 1.42
N PRO A 448 4.50 5.23 0.64
CA PRO A 448 5.76 4.63 1.12
C PRO A 448 6.83 5.62 1.54
N GLU A 449 6.66 6.92 1.29
CA GLU A 449 7.62 7.89 1.79
C GLU A 449 7.70 7.86 3.31
N VAL A 450 6.63 7.42 3.98
CA VAL A 450 6.66 7.38 5.43
C VAL A 450 7.66 6.31 5.90
N VAL A 451 7.79 5.21 5.16
CA VAL A 451 8.79 4.22 5.48
C VAL A 451 10.18 4.76 5.16
N GLU A 452 10.32 5.41 4.00
CA GLU A 452 11.61 5.96 3.61
C GLU A 452 12.13 6.92 4.67
N ASN A 453 11.30 7.85 5.10
CA ASN A 453 11.74 8.82 6.09
C ASN A 453 11.96 8.18 7.45
N ALA A 454 11.24 7.08 7.74
CA ALA A 454 11.52 6.36 8.97
C ALA A 454 12.91 5.75 8.94
N LEU A 455 13.33 5.24 7.77
CA LEU A 455 14.67 4.66 7.70
C LEU A 455 15.74 5.73 7.85
N LEU A 456 15.49 6.91 7.28
CA LEU A 456 16.49 7.98 7.32
C LEU A 456 16.60 8.63 8.70
N ASN A 457 15.60 8.49 9.56
CA ASN A 457 15.63 9.11 10.88
C ASN A 457 15.99 8.12 11.97
N LEU A 458 16.51 6.95 11.60
CA LEU A 458 16.99 5.99 12.58
C LEU A 458 18.17 6.59 13.33
N ARG A 459 18.00 6.84 14.63
CA ARG A 459 19.06 7.45 15.40
C ARG A 459 19.35 6.64 16.67
N MET B 1 30.24 46.12 -6.19
CA MET B 1 29.51 44.94 -6.64
C MET B 1 29.60 43.82 -5.60
N GLU B 2 28.56 43.01 -5.50
CA GLU B 2 28.50 41.96 -4.51
C GLU B 2 29.12 40.66 -5.07
N THR B 3 29.90 40.00 -4.23
CA THR B 3 30.59 38.76 -4.59
C THR B 3 30.00 37.59 -3.83
N TYR B 4 29.80 36.47 -4.54
CA TYR B 4 29.25 35.26 -3.95
C TYR B 4 30.09 34.06 -4.38
N ASP B 5 30.16 33.06 -3.51
CA ASP B 5 30.84 31.83 -3.87
C ASP B 5 29.94 30.92 -4.69
N LEU B 6 28.64 30.94 -4.42
CA LEU B 6 27.69 30.07 -5.10
C LEU B 6 26.41 30.86 -5.39
N ALA B 7 25.75 30.49 -6.48
CA ALA B 7 24.47 31.09 -6.86
C ALA B 7 23.52 30.00 -7.30
N ILE B 8 22.31 30.00 -6.72
CA ILE B 8 21.30 29.00 -7.02
C ILE B 8 20.10 29.71 -7.63
N ILE B 9 19.73 29.30 -8.84
CA ILE B 9 18.55 29.84 -9.52
C ILE B 9 17.42 28.84 -9.36
N GLY B 10 16.41 29.19 -8.57
CA GLY B 10 15.29 28.31 -8.30
C GLY B 10 15.28 27.77 -6.89
N THR B 11 14.14 27.85 -6.19
CA THR B 11 14.03 27.37 -4.81
C THR B 11 13.19 26.11 -4.69
N GLY B 12 13.10 25.32 -5.75
CA GLY B 12 12.51 23.99 -5.68
C GLY B 12 13.52 23.02 -5.11
N SER B 13 13.91 22.01 -5.90
CA SER B 13 14.98 21.12 -5.45
C SER B 13 16.27 21.87 -5.20
N GLY B 14 16.48 22.98 -5.92
CA GLY B 14 17.66 23.81 -5.70
C GLY B 14 17.77 24.35 -4.30
N ASN B 15 16.67 24.44 -3.57
CA ASN B 15 16.71 24.86 -2.18
C ASN B 15 17.21 23.76 -1.25
N SER B 16 17.35 22.54 -1.74
CA SER B 16 17.82 21.42 -0.93
C SER B 16 19.30 21.16 -1.14
N ILE B 17 20.01 22.07 -1.80
CA ILE B 17 21.44 21.89 -2.02
C ILE B 17 22.23 22.26 -0.78
N LEU B 18 21.84 23.36 -0.12
CA LEU B 18 22.62 23.91 0.98
C LEU B 18 22.61 22.95 2.15
N ASP B 19 23.81 22.61 2.63
CA ASP B 19 23.99 21.59 3.65
C ASP B 19 25.12 22.05 4.57
N GLU B 20 25.43 21.23 5.60
CA GLU B 20 26.42 21.62 6.60
C GLU B 20 27.77 21.95 5.97
N ARG B 21 28.14 21.23 4.91
CA ARG B 21 29.42 21.49 4.24
C ARG B 21 29.46 22.82 3.52
N TYR B 22 28.38 23.59 3.54
CA TYR B 22 28.30 24.87 2.84
C TYR B 22 28.29 26.07 3.77
N ALA B 23 28.10 25.87 5.07
CA ALA B 23 28.22 26.97 6.02
C ALA B 23 29.64 27.54 5.95
N GLY B 24 29.73 28.85 5.76
CA GLY B 24 31.00 29.50 5.53
C GLY B 24 31.23 29.95 4.10
N LYS B 25 30.25 29.74 3.22
CA LYS B 25 30.29 30.21 1.84
C LYS B 25 29.15 31.19 1.63
N ARG B 26 29.45 32.35 1.06
CA ARG B 26 28.42 33.35 0.79
C ARG B 26 27.60 32.90 -0.42
N VAL B 27 26.29 32.73 -0.20
CA VAL B 27 25.41 32.12 -1.20
C VAL B 27 24.34 33.12 -1.59
N ALA B 28 24.01 33.15 -2.89
CA ALA B 28 22.94 33.97 -3.42
C ALA B 28 21.86 33.05 -3.97
N ILE B 29 20.62 33.28 -3.55
CA ILE B 29 19.48 32.46 -3.95
C ILE B 29 18.48 33.32 -4.69
N CYS B 30 18.06 32.87 -5.87
CA CYS B 30 17.21 33.65 -6.77
C CYS B 30 15.93 32.90 -7.07
N GLU B 31 14.79 33.55 -6.80
CA GLU B 31 13.48 32.94 -7.02
C GLU B 31 12.58 33.97 -7.70
N GLN B 32 12.13 33.64 -8.93
CA GLN B 32 11.23 34.52 -9.66
C GLN B 32 9.83 34.52 -9.04
N GLY B 33 9.22 33.33 -8.93
CA GLY B 33 7.88 33.21 -8.40
C GLY B 33 7.83 32.94 -6.91
N THR B 34 6.97 32.01 -6.49
CA THR B 34 6.81 31.70 -5.08
C THR B 34 7.92 30.79 -4.58
N PHE B 35 8.36 31.03 -3.36
CA PHE B 35 9.40 30.19 -2.75
C PHE B 35 8.91 28.76 -2.61
N GLY B 36 9.78 27.79 -2.90
CA GLY B 36 9.47 26.39 -2.78
C GLY B 36 9.32 25.64 -4.09
N GLY B 37 9.19 26.36 -5.20
CA GLY B 37 9.11 25.71 -6.49
C GLY B 37 7.70 25.25 -6.84
N THR B 38 7.62 24.48 -7.93
CA THR B 38 6.33 24.08 -8.45
C THR B 38 5.69 23.01 -7.58
N CYS B 39 6.47 22.02 -7.15
CA CYS B 39 5.92 20.88 -6.44
C CYS B 39 5.15 21.33 -5.20
N LEU B 40 5.72 22.25 -4.43
CA LEU B 40 5.10 22.62 -3.17
C LEU B 40 3.87 23.50 -3.37
N ASN B 41 3.92 24.43 -4.33
CA ASN B 41 2.87 25.43 -4.44
C ASN B 41 1.81 25.12 -5.49
N VAL B 42 2.18 24.48 -6.60
CA VAL B 42 1.25 24.34 -7.71
C VAL B 42 1.40 22.96 -8.35
N GLY B 43 1.94 22.01 -7.60
CA GLY B 43 2.22 20.70 -8.16
C GLY B 43 1.90 19.52 -7.26
N CYS B 44 2.90 18.70 -6.97
CA CYS B 44 2.68 17.40 -6.33
C CYS B 44 1.92 17.55 -5.01
N ILE B 45 2.41 18.40 -4.11
CA ILE B 45 1.83 18.49 -2.78
C ILE B 45 0.37 18.98 -2.86
N PRO B 46 0.06 20.14 -3.46
CA PRO B 46 -1.35 20.56 -3.47
C PRO B 46 -2.26 19.67 -4.31
N THR B 47 -1.78 19.18 -5.46
CA THR B 47 -2.63 18.37 -6.34
C THR B 47 -3.08 17.08 -5.63
N LYS B 48 -2.15 16.37 -4.99
CA LYS B 48 -2.51 15.09 -4.38
C LYS B 48 -3.43 15.29 -3.19
N MET B 49 -3.32 16.41 -2.48
CA MET B 49 -4.32 16.74 -1.46
C MET B 49 -5.71 16.85 -2.07
N PHE B 50 -5.81 17.38 -3.29
CA PHE B 50 -7.11 17.40 -3.95
C PHE B 50 -7.54 15.99 -4.37
N VAL B 51 -6.59 15.13 -4.74
CA VAL B 51 -6.95 13.77 -5.17
C VAL B 51 -7.56 13.00 -4.00
N TYR B 52 -7.04 13.20 -2.79
CA TYR B 52 -7.57 12.46 -1.64
C TYR B 52 -9.00 12.91 -1.31
N ALA B 53 -9.24 14.23 -1.29
CA ALA B 53 -10.60 14.71 -1.05
C ALA B 53 -11.56 14.24 -2.13
N ALA B 54 -11.11 14.18 -3.38
CA ALA B 54 -11.96 13.66 -4.44
C ALA B 54 -12.30 12.18 -4.21
N GLU B 55 -11.33 11.39 -3.76
CA GLU B 55 -11.59 9.97 -3.58
C GLU B 55 -12.52 9.71 -2.42
N VAL B 56 -12.60 10.61 -1.46
CA VAL B 56 -13.61 10.53 -0.41
C VAL B 56 -15.02 10.65 -1.03
N ALA B 57 -15.21 11.56 -1.99
CA ALA B 57 -16.53 11.73 -2.62
C ALA B 57 -16.90 10.56 -3.51
N GLN B 58 -15.93 10.06 -4.27
CA GLN B 58 -16.00 8.71 -4.84
C GLN B 58 -16.40 7.63 -3.88
N THR B 59 -15.86 7.64 -2.66
CA THR B 59 -16.25 6.56 -1.76
C THR B 59 -17.72 6.67 -1.40
N VAL B 60 -18.18 7.90 -1.12
CA VAL B 60 -19.58 8.14 -0.79
C VAL B 60 -20.48 7.80 -1.97
N ARG B 61 -20.02 8.10 -3.19
CA ARG B 61 -20.88 7.93 -4.35
C ARG B 61 -21.18 6.46 -4.62
N GLY B 62 -20.20 5.59 -4.43
CA GLY B 62 -20.39 4.19 -4.74
C GLY B 62 -20.58 3.33 -3.50
N ALA B 63 -20.99 3.96 -2.41
CA ALA B 63 -21.03 3.28 -1.13
C ALA B 63 -22.13 2.22 -1.07
N ALA B 64 -23.20 2.39 -1.86
CA ALA B 64 -24.30 1.42 -1.84
C ALA B 64 -23.88 0.06 -2.38
N ARG B 65 -22.84 0.03 -3.22
CA ARG B 65 -22.34 -1.23 -3.75
C ARG B 65 -21.83 -2.13 -2.63
N TYR B 66 -21.39 -1.54 -1.52
CA TYR B 66 -20.92 -2.29 -0.37
C TYR B 66 -21.97 -2.41 0.72
N GLY B 67 -23.20 -1.99 0.43
CA GLY B 67 -24.30 -2.15 1.37
C GLY B 67 -24.52 -0.98 2.31
N VAL B 68 -23.88 0.16 2.07
CA VAL B 68 -24.07 1.36 2.88
C VAL B 68 -24.69 2.42 1.99
N ASP B 69 -25.91 2.83 2.30
CA ASP B 69 -26.60 3.84 1.50
C ASP B 69 -26.22 5.22 2.03
N ALA B 70 -25.55 6.00 1.21
CA ALA B 70 -25.16 7.35 1.60
C ALA B 70 -25.23 8.24 0.38
N HIS B 71 -25.11 9.55 0.61
CA HIS B 71 -25.09 10.49 -0.50
C HIS B 71 -24.40 11.78 -0.06
N ILE B 72 -23.96 12.55 -1.05
CA ILE B 72 -23.22 13.80 -0.83
C ILE B 72 -24.20 14.95 -0.76
N ASP B 73 -24.14 15.74 0.31
CA ASP B 73 -24.99 16.90 0.45
C ASP B 73 -24.45 18.08 -0.36
N ARG B 74 -23.23 18.52 -0.06
CA ARG B 74 -22.62 19.66 -0.75
C ARG B 74 -21.11 19.49 -0.76
N VAL B 75 -20.47 20.04 -1.80
CA VAL B 75 -19.02 20.02 -1.95
C VAL B 75 -18.49 21.43 -1.63
N ARG B 76 -17.93 21.60 -0.44
CA ARG B 76 -17.43 22.90 0.02
C ARG B 76 -16.06 23.17 -0.61
N TRP B 77 -16.10 23.51 -1.90
CA TRP B 77 -14.86 23.75 -2.65
C TRP B 77 -14.04 24.87 -2.02
N ASP B 78 -14.70 25.94 -1.58
CA ASP B 78 -13.99 27.03 -0.91
C ASP B 78 -13.27 26.52 0.33
N ASP B 79 -13.89 25.61 1.07
CA ASP B 79 -13.23 25.06 2.25
C ASP B 79 -12.11 24.11 1.88
N ILE B 80 -12.25 23.39 0.77
CA ILE B 80 -11.17 22.51 0.31
C ILE B 80 -9.94 23.33 -0.05
N VAL B 81 -10.12 24.34 -0.92
CA VAL B 81 -9.00 25.18 -1.33
C VAL B 81 -8.37 25.86 -0.13
N SER B 82 -9.21 26.37 0.78
CA SER B 82 -8.68 27.09 1.93
C SER B 82 -7.92 26.16 2.88
N ARG B 83 -8.39 24.93 3.03
CA ARG B 83 -7.71 23.98 3.90
C ARG B 83 -6.36 23.58 3.32
N ILE B 84 -6.32 23.34 2.01
CA ILE B 84 -5.08 22.90 1.37
C ILE B 84 -4.06 24.03 1.33
N PHE B 85 -4.40 25.13 0.66
CA PHE B 85 -3.46 26.23 0.59
C PHE B 85 -3.34 26.98 1.93
N GLY B 86 -4.20 26.68 2.89
CA GLY B 86 -4.04 27.27 4.21
C GLY B 86 -2.83 26.75 4.96
N ARG B 87 -2.40 25.54 4.63
CA ARG B 87 -1.17 25.01 5.19
C ARG B 87 0.02 25.23 4.27
N ILE B 88 -0.21 25.39 2.97
CA ILE B 88 0.90 25.49 2.01
C ILE B 88 1.50 26.89 2.03
N ASP B 89 0.65 27.92 1.99
CA ASP B 89 1.16 29.28 1.90
C ASP B 89 2.06 29.67 3.09
N PRO B 90 1.76 29.32 4.34
CA PRO B 90 2.72 29.63 5.41
C PRO B 90 4.04 28.89 5.28
N ILE B 91 4.04 27.69 4.68
CA ILE B 91 5.29 26.95 4.55
C ILE B 91 6.22 27.63 3.55
N ALA B 92 5.68 28.11 2.44
CA ALA B 92 6.49 28.86 1.49
C ALA B 92 7.01 30.15 2.11
N ILE B 93 6.23 30.77 2.98
CA ILE B 93 6.64 32.02 3.61
C ILE B 93 7.73 31.75 4.65
N SER B 94 7.50 30.77 5.53
CA SER B 94 8.47 30.45 6.57
C SER B 94 9.78 29.98 5.96
N GLY B 95 9.72 29.17 4.91
CA GLY B 95 10.93 28.72 4.26
C GLY B 95 11.72 29.86 3.62
N GLU B 96 11.03 30.89 3.14
CA GLU B 96 11.73 32.04 2.61
C GLU B 96 12.44 32.83 3.71
N ASP B 97 11.79 32.95 4.87
CA ASP B 97 12.40 33.66 5.99
C ASP B 97 13.61 32.92 6.55
N TYR B 98 13.70 31.60 6.33
CA TYR B 98 14.84 30.86 6.85
C TYR B 98 16.13 31.20 6.12
N ARG B 99 16.05 31.34 4.79
CA ARG B 99 17.23 31.74 4.03
C ARG B 99 17.52 33.22 4.23
N ARG B 100 16.48 34.05 4.27
CA ARG B 100 16.70 35.48 4.46
C ARG B 100 17.35 35.77 5.81
N SER B 101 16.95 35.05 6.84
CA SER B 101 17.48 35.25 8.18
C SER B 101 18.85 34.60 8.39
N SER B 102 19.50 34.16 7.33
CA SER B 102 20.84 33.60 7.47
C SER B 102 21.88 34.65 7.08
N PRO B 103 22.92 34.83 7.89
CA PRO B 103 23.91 35.89 7.59
C PRO B 103 24.65 35.66 6.29
N ASN B 104 24.87 34.41 5.90
CA ASN B 104 25.65 34.10 4.71
C ASN B 104 24.80 33.96 3.45
N ILE B 105 23.48 34.12 3.56
CA ILE B 105 22.57 33.90 2.43
C ILE B 105 21.86 35.20 2.10
N ASP B 106 21.82 35.52 0.80
CA ASP B 106 21.11 36.69 0.28
C ASP B 106 20.10 36.22 -0.75
N VAL B 107 18.84 36.59 -0.55
CA VAL B 107 17.76 36.13 -1.40
C VAL B 107 17.40 37.25 -2.38
N TYR B 108 17.32 36.91 -3.67
CA TYR B 108 16.93 37.84 -4.73
C TYR B 108 15.64 37.36 -5.36
N ALA B 109 14.54 38.07 -5.08
CA ALA B 109 13.20 37.64 -5.50
C ALA B 109 12.85 38.09 -6.91
N GLN B 110 13.78 38.07 -7.85
CA GLN B 110 13.53 38.51 -9.21
C GLN B 110 14.01 37.44 -10.19
N HIS B 111 13.57 37.59 -11.43
CA HIS B 111 14.04 36.74 -12.51
C HIS B 111 15.48 37.08 -12.83
N THR B 112 16.38 36.11 -12.68
CA THR B 112 17.81 36.33 -12.84
C THR B 112 18.29 35.70 -14.14
N ARG B 113 19.16 36.42 -14.86
CA ARG B 113 19.73 35.96 -16.12
C ARG B 113 21.25 35.98 -16.05
N PHE B 114 21.86 35.21 -16.95
CA PHE B 114 23.32 35.16 -17.05
C PHE B 114 23.84 36.39 -17.77
N GLY B 115 24.84 37.04 -17.17
CA GLY B 115 25.52 38.13 -17.81
C GLY B 115 26.80 37.65 -18.49
N PRO B 116 27.62 38.58 -18.97
CA PRO B 116 28.88 38.19 -19.61
C PRO B 116 29.89 37.65 -18.61
N VAL B 117 30.73 36.73 -19.06
CA VAL B 117 31.69 36.17 -18.11
C VAL B 117 32.80 37.18 -17.82
N GLN B 118 33.05 37.42 -16.53
CA GLN B 118 34.14 38.25 -16.02
C GLN B 118 35.50 37.65 -16.27
N PRO B 119 36.55 38.48 -16.20
CA PRO B 119 37.89 37.97 -16.54
C PRO B 119 38.38 36.84 -15.67
N ASP B 120 38.17 36.91 -14.36
CA ASP B 120 38.69 35.90 -13.46
C ASP B 120 37.98 34.56 -13.60
N GLY B 121 37.08 34.42 -14.58
CA GLY B 121 36.30 33.22 -14.74
C GLY B 121 34.97 33.22 -14.01
N ARG B 122 34.73 34.22 -13.17
CA ARG B 122 33.48 34.30 -12.44
C ARG B 122 32.33 34.63 -13.39
N TYR B 123 31.11 34.40 -12.91
CA TYR B 123 29.91 34.60 -13.71
C TYR B 123 29.14 35.81 -13.21
N LEU B 124 28.70 36.64 -14.14
CA LEU B 124 27.90 37.81 -13.82
C LEU B 124 26.42 37.45 -13.96
N LEU B 125 25.64 37.84 -12.97
CA LEU B 125 24.20 37.60 -12.97
C LEU B 125 23.47 38.90 -12.66
N ARG B 126 22.42 39.17 -13.42
CA ARG B 126 21.62 40.37 -13.27
C ARG B 126 20.14 39.99 -13.15
N THR B 127 19.42 40.74 -12.33
CA THR B 127 18.01 40.49 -12.08
C THR B 127 17.16 41.35 -13.01
N ASP B 128 15.83 41.18 -12.92
CA ASP B 128 14.92 42.01 -13.67
C ASP B 128 14.87 43.43 -13.15
N LEU B 129 15.38 43.67 -11.94
CA LEU B 129 15.47 45.01 -11.37
C LEU B 129 16.82 45.67 -11.64
N GLY B 130 17.73 45.01 -12.33
CA GLY B 130 19.02 45.60 -12.65
C GLY B 130 20.06 45.56 -11.56
N ASP B 131 19.94 44.65 -10.60
CA ASP B 131 20.95 44.47 -9.56
C ASP B 131 21.90 43.36 -9.99
N GLU B 132 23.21 43.66 -10.01
CA GLU B 132 24.21 42.73 -10.48
C GLU B 132 25.08 42.22 -9.34
N PHE B 133 25.64 41.03 -9.57
CA PHE B 133 26.60 40.41 -8.65
C PHE B 133 27.34 39.31 -9.41
N THR B 134 28.42 38.83 -8.80
CA THR B 134 29.23 37.77 -9.38
C THR B 134 29.20 36.54 -8.48
N ALA B 135 29.53 35.40 -9.07
CA ALA B 135 29.56 34.13 -8.35
C ALA B 135 30.54 33.20 -9.02
N GLU B 136 31.30 32.47 -8.21
CA GLU B 136 32.28 31.53 -8.75
C GLU B 136 31.61 30.26 -9.26
N GLN B 137 30.61 29.75 -8.54
CA GLN B 137 29.88 28.57 -8.93
C GLN B 137 28.39 28.89 -9.05
N VAL B 138 27.72 28.20 -9.98
CA VAL B 138 26.31 28.45 -10.25
C VAL B 138 25.60 27.13 -10.48
N VAL B 139 24.41 27.00 -9.92
CA VAL B 139 23.49 25.90 -10.23
C VAL B 139 22.24 26.47 -10.88
N ILE B 140 21.81 25.83 -11.96
CA ILE B 140 20.60 26.18 -12.67
C ILE B 140 19.54 25.15 -12.28
N ALA B 141 18.54 25.59 -11.53
CA ALA B 141 17.40 24.76 -11.15
C ALA B 141 16.10 25.48 -11.51
N ALA B 142 16.04 25.96 -12.75
CA ALA B 142 14.95 26.81 -13.20
C ALA B 142 13.67 26.04 -13.55
N GLY B 143 13.72 24.72 -13.55
CA GLY B 143 12.49 23.97 -13.74
C GLY B 143 11.93 24.09 -15.15
N SER B 144 10.60 24.06 -15.24
CA SER B 144 9.89 24.11 -16.50
C SER B 144 8.62 24.94 -16.34
N ARG B 145 7.94 25.16 -17.46
CA ARG B 145 6.70 25.91 -17.54
C ARG B 145 5.82 25.28 -18.60
N PRO B 146 4.50 25.44 -18.50
CA PRO B 146 3.60 24.73 -19.43
C PRO B 146 3.69 25.27 -20.84
N MET B 147 3.62 24.35 -21.80
CA MET B 147 3.52 24.67 -23.22
C MET B 147 2.05 24.73 -23.62
N ILE B 148 1.68 25.78 -24.35
CA ILE B 148 0.31 25.99 -24.79
C ILE B 148 0.31 26.01 -26.32
N PRO B 149 -0.50 25.17 -26.97
CA PRO B 149 -0.52 25.15 -28.45
C PRO B 149 -0.93 26.50 -29.01
N PRO B 150 -0.55 26.82 -30.25
CA PRO B 150 -0.68 28.20 -30.74
C PRO B 150 -2.11 28.71 -30.77
N ALA B 151 -3.07 27.89 -31.21
CA ALA B 151 -4.42 28.41 -31.45
C ALA B 151 -5.07 28.95 -30.18
N ILE B 152 -4.77 28.37 -29.02
CA ILE B 152 -5.34 28.88 -27.77
C ILE B 152 -4.71 30.22 -27.39
N LEU B 153 -3.40 30.35 -27.63
CA LEU B 153 -2.76 31.65 -27.42
C LEU B 153 -3.26 32.68 -28.42
N ALA B 154 -3.40 32.29 -29.69
CA ALA B 154 -3.81 33.23 -30.73
C ALA B 154 -5.22 33.76 -30.48
N CYS B 155 -6.11 32.90 -29.97
CA CYS B 155 -7.50 33.31 -29.78
C CYS B 155 -7.71 34.23 -28.60
N GLY B 156 -6.67 34.46 -27.79
CA GLY B 156 -6.77 35.40 -26.68
C GLY B 156 -7.89 35.11 -25.71
N VAL B 157 -8.38 33.88 -25.69
CA VAL B 157 -9.47 33.50 -24.80
C VAL B 157 -8.88 33.12 -23.44
N GLU B 158 -9.67 33.29 -22.39
CA GLU B 158 -9.21 32.95 -21.05
C GLU B 158 -9.06 31.45 -20.91
N TYR B 159 -7.97 31.03 -20.26
CA TYR B 159 -7.66 29.62 -20.08
C TYR B 159 -7.10 29.40 -18.68
N HIS B 160 -6.94 28.14 -18.33
CA HIS B 160 -6.31 27.76 -17.07
C HIS B 160 -5.17 26.78 -17.33
N THR B 161 -4.17 26.83 -16.46
CA THR B 161 -3.11 25.83 -16.45
C THR B 161 -3.05 25.20 -15.06
N SER B 162 -2.13 24.25 -14.90
CA SER B 162 -1.91 23.64 -13.58
C SER B 162 -1.60 24.69 -12.53
N ASP B 163 -1.03 25.82 -12.93
CA ASP B 163 -0.64 26.85 -11.98
C ASP B 163 -1.80 27.69 -11.47
N THR B 164 -2.99 27.58 -12.08
CA THR B 164 -4.07 28.48 -11.72
C THR B 164 -5.36 27.75 -11.38
N ILE B 165 -5.57 26.57 -11.97
CA ILE B 165 -6.88 25.92 -11.87
C ILE B 165 -7.19 25.51 -10.44
N MET B 166 -6.17 25.27 -9.62
CA MET B 166 -6.38 24.78 -8.27
C MET B 166 -6.87 25.86 -7.30
N ARG B 167 -6.90 27.12 -7.72
CA ARG B 167 -7.41 28.20 -6.88
C ARG B 167 -8.57 28.93 -7.55
N ILE B 168 -9.28 28.23 -8.43
CA ILE B 168 -10.44 28.79 -9.10
C ILE B 168 -11.50 29.22 -8.08
N ALA B 169 -12.28 30.24 -8.46
CA ALA B 169 -13.23 30.84 -7.53
C ALA B 169 -14.30 29.84 -7.10
N GLU B 170 -14.97 29.23 -8.07
CA GLU B 170 -15.99 28.24 -7.77
C GLU B 170 -15.88 27.10 -8.77
N LEU B 171 -16.43 25.96 -8.39
CA LEU B 171 -16.35 24.79 -9.24
C LEU B 171 -17.19 25.01 -10.51
N PRO B 172 -16.64 24.82 -11.69
CA PRO B 172 -17.49 24.83 -12.89
C PRO B 172 -18.40 23.60 -12.90
N GLU B 173 -19.40 23.54 -13.81
CA GLU B 173 -20.20 22.32 -14.05
C GLU B 173 -19.60 21.42 -15.13
N HIS B 174 -18.99 22.02 -16.15
CA HIS B 174 -18.37 21.28 -17.25
C HIS B 174 -16.98 21.87 -17.46
N LEU B 175 -15.99 20.99 -17.60
CA LEU B 175 -14.62 21.42 -17.78
C LEU B 175 -13.99 20.69 -18.96
N VAL B 176 -13.41 21.46 -19.88
CA VAL B 176 -12.60 20.90 -20.97
C VAL B 176 -11.16 20.85 -20.51
N ILE B 177 -10.50 19.75 -20.85
CA ILE B 177 -9.06 19.62 -20.70
C ILE B 177 -8.49 19.28 -22.07
N VAL B 178 -7.52 20.06 -22.52
CA VAL B 178 -6.81 19.78 -23.76
C VAL B 178 -5.51 19.07 -23.40
N GLY B 179 -5.28 17.93 -24.03
CA GLY B 179 -4.13 17.11 -23.71
C GLY B 179 -4.53 15.87 -22.93
N GLY B 180 -3.64 14.88 -22.96
CA GLY B 180 -3.89 13.64 -22.28
C GLY B 180 -2.66 13.09 -21.62
N GLY B 181 -2.02 13.88 -20.76
CA GLY B 181 -0.87 13.45 -20.03
C GLY B 181 -1.18 13.20 -18.56
N PHE B 182 -0.12 13.26 -17.74
CA PHE B 182 -0.29 13.05 -16.31
C PHE B 182 -1.19 14.11 -15.70
N VAL B 183 -1.00 15.36 -16.10
CA VAL B 183 -1.79 16.47 -15.55
C VAL B 183 -3.24 16.35 -15.98
N ALA B 184 -3.47 15.94 -17.23
CA ALA B 184 -4.84 15.80 -17.70
C ALA B 184 -5.57 14.70 -16.94
N ALA B 185 -4.93 13.55 -16.76
CA ALA B 185 -5.57 12.44 -16.06
C ALA B 185 -5.89 12.80 -14.61
N GLU B 186 -4.91 13.34 -13.90
CA GLU B 186 -5.09 13.61 -12.48
C GLU B 186 -6.19 14.65 -12.27
N PHE B 187 -6.16 15.74 -13.05
CA PHE B 187 -7.17 16.78 -12.87
C PHE B 187 -8.54 16.33 -13.38
N ALA B 188 -8.57 15.43 -14.37
CA ALA B 188 -9.84 14.85 -14.78
C ALA B 188 -10.44 14.03 -13.65
N HIS B 189 -9.60 13.28 -12.94
CA HIS B 189 -10.08 12.51 -11.80
C HIS B 189 -10.56 13.44 -10.68
N ILE B 190 -9.79 14.48 -10.39
CA ILE B 190 -10.11 15.35 -9.26
C ILE B 190 -11.49 15.96 -9.42
N PHE B 191 -11.73 16.61 -10.56
CA PHE B 191 -12.96 17.39 -10.73
C PHE B 191 -14.16 16.51 -11.02
N SER B 192 -14.01 15.45 -11.81
CA SER B 192 -15.13 14.56 -12.07
C SER B 192 -15.60 13.88 -10.78
N ALA B 193 -14.66 13.48 -9.91
CA ALA B 193 -15.05 12.90 -8.63
C ALA B 193 -15.77 13.90 -7.75
N LEU B 194 -15.54 15.20 -7.97
CA LEU B 194 -16.23 16.22 -7.21
C LEU B 194 -17.49 16.73 -7.90
N GLY B 195 -17.93 16.06 -8.97
CA GLY B 195 -19.19 16.36 -9.62
C GLY B 195 -19.08 17.00 -11.00
N VAL B 196 -17.91 17.53 -11.36
CA VAL B 196 -17.77 18.23 -12.63
C VAL B 196 -17.79 17.25 -13.80
N ARG B 197 -18.53 17.62 -14.85
CA ARG B 197 -18.45 16.88 -16.10
C ARG B 197 -17.11 17.19 -16.78
N ILE B 198 -16.57 16.20 -17.48
CA ILE B 198 -15.22 16.27 -18.02
C ILE B 198 -15.26 15.94 -19.51
N THR B 199 -14.61 16.78 -20.32
CA THR B 199 -14.39 16.51 -21.72
C THR B 199 -12.90 16.62 -22.01
N LEU B 200 -12.36 15.61 -22.69
CA LEU B 200 -10.95 15.56 -23.04
C LEU B 200 -10.78 15.68 -24.55
N VAL B 201 -9.89 16.56 -24.97
CA VAL B 201 -9.54 16.76 -26.37
C VAL B 201 -8.09 16.34 -26.56
N ILE B 202 -7.89 15.27 -27.31
CA ILE B 202 -6.57 14.69 -27.53
C ILE B 202 -6.38 14.44 -29.01
N ARG B 203 -5.16 14.69 -29.50
CA ARG B 203 -4.87 14.45 -30.91
C ARG B 203 -4.62 12.98 -31.23
N GLY B 204 -4.45 12.12 -30.23
CA GLY B 204 -4.23 10.71 -30.46
C GLY B 204 -5.47 9.88 -30.21
N GLY B 205 -5.26 8.57 -30.13
CA GLY B 205 -6.34 7.64 -29.88
C GLY B 205 -6.39 7.13 -28.45
N THR B 206 -5.35 7.41 -27.67
CA THR B 206 -5.17 6.85 -26.34
C THR B 206 -4.95 7.95 -25.32
N LEU B 207 -5.06 7.59 -24.03
CA LEU B 207 -4.92 8.58 -22.98
C LEU B 207 -3.62 8.54 -22.20
N LEU B 208 -2.92 7.41 -22.17
CA LEU B 208 -1.67 7.30 -21.41
C LEU B 208 -0.62 6.73 -22.35
N ARG B 209 -0.21 7.59 -23.30
CA ARG B 209 0.47 7.14 -24.50
C ARG B 209 1.76 6.40 -24.18
N HIS B 210 2.54 6.90 -23.22
CA HIS B 210 3.84 6.32 -22.95
C HIS B 210 3.79 5.16 -21.96
N ALA B 211 2.61 4.82 -21.43
CA ALA B 211 2.50 3.69 -20.53
C ALA B 211 2.61 2.37 -21.30
N ASP B 212 2.64 1.27 -20.55
CA ASP B 212 2.66 -0.05 -21.16
C ASP B 212 1.41 -0.24 -22.01
N ASP B 213 1.55 -1.05 -23.07
CA ASP B 213 0.45 -1.25 -24.02
C ASP B 213 -0.82 -1.66 -23.29
N THR B 214 -0.73 -2.64 -22.41
CA THR B 214 -1.90 -3.12 -21.68
C THR B 214 -2.49 -2.02 -20.81
N ILE B 215 -1.64 -1.26 -20.13
CA ILE B 215 -2.16 -0.21 -19.25
C ILE B 215 -2.77 0.91 -20.08
N CYS B 216 -2.07 1.36 -21.12
CA CYS B 216 -2.57 2.45 -21.95
C CYS B 216 -3.92 2.11 -22.56
N GLU B 217 -4.04 0.91 -23.13
CA GLU B 217 -5.30 0.48 -23.73
C GLU B 217 -6.43 0.45 -22.70
N ARG B 218 -6.27 -0.33 -21.63
CA ARG B 218 -7.37 -0.54 -20.70
C ARG B 218 -7.78 0.76 -20.01
N PHE B 219 -6.81 1.62 -19.68
CA PHE B 219 -7.15 2.89 -19.06
C PHE B 219 -8.02 3.75 -19.97
N THR B 220 -7.75 3.70 -21.29
CA THR B 220 -8.49 4.56 -22.19
C THR B 220 -9.96 4.16 -22.28
N ARG B 221 -10.25 2.85 -22.40
CA ARG B 221 -11.65 2.44 -22.49
C ARG B 221 -12.40 2.77 -21.21
N LEU B 222 -11.75 2.63 -20.05
CA LEU B 222 -12.41 3.01 -18.80
C LEU B 222 -12.70 4.51 -18.79
N ALA B 223 -11.76 5.32 -19.28
CA ALA B 223 -11.98 6.76 -19.32
C ALA B 223 -13.11 7.12 -20.29
N SER B 224 -13.21 6.40 -21.42
CA SER B 224 -14.21 6.74 -22.42
C SER B 224 -15.63 6.60 -21.90
N THR B 225 -15.86 5.73 -20.93
CA THR B 225 -17.20 5.49 -20.41
C THR B 225 -17.57 6.39 -19.25
N LYS B 226 -16.63 7.17 -18.71
CA LYS B 226 -16.91 8.12 -17.64
C LYS B 226 -16.53 9.56 -17.99
N TRP B 227 -15.63 9.77 -18.93
CA TRP B 227 -15.34 11.09 -19.47
C TRP B 227 -15.53 11.05 -20.97
N GLU B 228 -15.91 12.19 -21.54
CA GLU B 228 -16.14 12.27 -22.98
C GLU B 228 -14.80 12.43 -23.69
N LEU B 229 -14.49 11.47 -24.56
CA LEU B 229 -13.19 11.41 -25.22
C LEU B 229 -13.33 11.88 -26.66
N ARG B 230 -12.60 12.94 -27.02
CA ARG B 230 -12.54 13.45 -28.39
C ARG B 230 -11.23 13.01 -29.02
N SER B 231 -11.25 11.82 -29.63
CA SER B 231 -10.03 11.25 -30.21
C SER B 231 -9.63 12.00 -31.47
N HIS B 232 -8.32 12.04 -31.70
CA HIS B 232 -7.73 12.52 -32.96
C HIS B 232 -8.26 13.90 -33.36
N ARG B 233 -8.16 14.86 -32.43
CA ARG B 233 -8.72 16.18 -32.65
C ARG B 233 -7.82 17.23 -32.03
N ASN B 234 -7.48 18.26 -32.81
CA ASN B 234 -6.75 19.42 -32.33
C ASN B 234 -7.68 20.62 -32.22
N VAL B 235 -7.31 21.55 -31.35
CA VAL B 235 -8.07 22.79 -31.15
C VAL B 235 -7.49 23.86 -32.07
N VAL B 236 -8.34 24.41 -32.94
CA VAL B 236 -7.93 25.45 -33.89
C VAL B 236 -8.59 26.80 -33.63
N GLY B 237 -9.56 26.88 -32.71
CA GLY B 237 -10.20 28.14 -32.44
C GLY B 237 -11.02 28.07 -31.16
N ALA B 238 -11.28 29.26 -30.59
CA ALA B 238 -12.01 29.37 -29.34
C ALA B 238 -12.54 30.79 -29.16
N HIS B 239 -13.70 30.89 -28.52
CA HIS B 239 -14.31 32.20 -28.27
C HIS B 239 -15.23 32.09 -27.05
N HIS B 240 -15.67 33.25 -26.57
CA HIS B 240 -16.45 33.36 -25.36
C HIS B 240 -17.94 33.25 -25.67
N LYS B 241 -18.72 32.98 -24.61
CA LYS B 241 -20.19 32.97 -24.70
C LYS B 241 -20.70 33.21 -23.28
N GLY B 242 -21.14 34.45 -23.01
CA GLY B 242 -21.55 34.82 -21.67
C GLY B 242 -20.42 34.62 -20.66
N SER B 243 -20.56 33.58 -19.83
CA SER B 243 -19.50 33.15 -18.94
C SER B 243 -18.95 31.78 -19.32
N GLN B 244 -19.34 31.27 -20.49
CA GLN B 244 -18.95 29.95 -20.96
C GLN B 244 -17.87 30.08 -22.03
N ILE B 245 -17.26 28.94 -22.37
CA ILE B 245 -16.23 28.87 -23.41
C ILE B 245 -16.73 27.95 -24.52
N VAL B 246 -16.41 28.30 -25.76
CA VAL B 246 -16.65 27.44 -26.91
C VAL B 246 -15.31 27.13 -27.54
N LEU B 247 -15.08 25.87 -27.87
CA LEU B 247 -13.83 25.43 -28.48
C LEU B 247 -14.12 24.91 -29.88
N GLU B 248 -13.48 25.52 -30.88
CA GLU B 248 -13.61 25.08 -32.26
C GLU B 248 -12.50 24.10 -32.59
N LEU B 249 -12.87 22.95 -33.16
CA LEU B 249 -11.94 21.87 -33.44
C LEU B 249 -11.61 21.81 -34.93
N ASP B 250 -10.58 21.03 -35.24
CA ASP B 250 -10.03 21.01 -36.60
C ASP B 250 -11.00 20.42 -37.62
N ASP B 251 -11.98 19.64 -37.19
CA ASP B 251 -12.97 19.05 -38.09
C ASP B 251 -14.29 19.81 -38.05
N GLY B 252 -14.29 21.02 -37.50
CA GLY B 252 -15.50 21.81 -37.38
C GLY B 252 -16.39 21.48 -36.21
N SER B 253 -16.06 20.44 -35.45
CA SER B 253 -16.83 20.12 -34.25
C SER B 253 -16.61 21.19 -33.19
N THR B 254 -17.56 21.28 -32.27
CA THR B 254 -17.49 22.25 -31.19
C THR B 254 -17.60 21.54 -29.84
N VAL B 255 -17.01 22.17 -28.82
CA VAL B 255 -17.12 21.75 -27.44
C VAL B 255 -17.42 22.97 -26.58
N ARG B 256 -18.55 22.96 -25.88
CA ARG B 256 -18.98 24.06 -25.04
C ARG B 256 -18.88 23.65 -23.58
N ALA B 257 -18.23 24.50 -22.77
CA ALA B 257 -18.10 24.22 -21.33
C ALA B 257 -17.81 25.53 -20.60
N ASP B 258 -17.64 25.42 -19.28
CA ASP B 258 -17.51 26.60 -18.42
C ASP B 258 -16.07 27.12 -18.36
N THR B 259 -15.08 26.21 -18.33
CA THR B 259 -13.68 26.62 -18.27
C THR B 259 -12.83 25.64 -19.07
N VAL B 260 -11.58 26.04 -19.33
CA VAL B 260 -10.64 25.23 -20.09
C VAL B 260 -9.35 25.08 -19.31
N LEU B 261 -8.76 23.90 -19.39
CA LEU B 261 -7.47 23.59 -18.78
C LEU B 261 -6.56 23.03 -19.86
N VAL B 262 -5.36 23.60 -19.99
CA VAL B 262 -4.38 23.15 -20.96
C VAL B 262 -3.35 22.28 -20.23
N ALA B 263 -3.31 21.00 -20.58
CA ALA B 263 -2.35 20.06 -20.02
C ALA B 263 -1.54 19.45 -21.16
N THR B 264 -0.83 20.31 -21.89
CA THR B 264 -0.15 19.95 -23.12
C THR B 264 1.37 19.92 -22.95
N GLY B 265 1.84 19.45 -21.80
CA GLY B 265 3.25 19.31 -21.57
C GLY B 265 3.88 20.55 -20.95
N ARG B 266 5.16 20.41 -20.61
CA ARG B 266 5.94 21.51 -20.06
C ARG B 266 7.23 21.66 -20.85
N MET B 267 7.86 22.82 -20.67
CA MET B 267 9.07 23.18 -21.40
C MET B 267 10.11 23.68 -20.41
N PRO B 268 11.34 23.15 -20.46
CA PRO B 268 12.39 23.64 -19.54
C PRO B 268 12.65 25.12 -19.73
N ASN B 269 12.98 25.78 -18.62
CA ASN B 269 13.18 27.24 -18.57
C ASN B 269 14.63 27.64 -18.79
N GLY B 270 15.39 26.89 -19.59
CA GLY B 270 16.76 27.25 -19.89
C GLY B 270 16.92 28.35 -20.92
N ASP B 271 15.84 28.71 -21.61
CA ASP B 271 15.88 29.75 -22.62
C ASP B 271 15.69 31.14 -22.05
N LEU B 272 15.27 31.25 -20.78
CA LEU B 272 15.12 32.53 -20.11
C LEU B 272 16.35 32.93 -19.32
N LEU B 273 17.54 32.48 -19.75
CA LEU B 273 18.75 32.69 -18.97
C LEU B 273 19.90 33.33 -19.72
N ASP B 274 19.82 33.47 -21.05
CA ASP B 274 20.97 33.82 -21.89
C ASP B 274 22.10 32.82 -21.66
N ALA B 275 21.74 31.54 -21.67
CA ALA B 275 22.67 30.51 -21.25
C ALA B 275 23.77 30.27 -22.28
N GLU B 276 23.42 30.20 -23.57
CA GLU B 276 24.43 29.87 -24.58
C GLU B 276 25.51 30.93 -24.66
N GLN B 277 25.18 32.17 -24.31
CA GLN B 277 26.16 33.24 -24.34
C GLN B 277 27.30 32.97 -23.37
N ALA B 278 27.02 32.32 -22.25
CA ALA B 278 28.02 32.04 -21.23
C ALA B 278 28.61 30.64 -21.35
N GLY B 279 28.39 29.96 -22.47
CA GLY B 279 28.93 28.63 -22.66
C GLY B 279 28.06 27.50 -22.13
N ILE B 280 26.81 27.77 -21.78
CA ILE B 280 25.89 26.74 -21.30
C ILE B 280 25.15 26.22 -22.53
N ASP B 281 25.60 25.09 -23.06
CA ASP B 281 24.95 24.51 -24.23
C ASP B 281 23.51 24.14 -23.89
N LEU B 282 22.59 24.46 -24.81
CA LEU B 282 21.19 24.14 -24.63
C LEU B 282 20.75 23.16 -25.72
N ASP B 283 19.91 22.22 -25.34
CA ASP B 283 19.20 21.35 -26.29
C ASP B 283 17.79 21.90 -26.38
N GLU B 284 17.53 22.66 -27.44
CA GLU B 284 16.32 23.47 -27.54
C GLU B 284 16.28 24.42 -26.35
N SER B 285 15.50 24.08 -25.33
CA SER B 285 15.44 24.87 -24.12
C SER B 285 15.98 24.13 -22.89
N ARG B 286 16.50 22.92 -23.07
CA ARG B 286 16.99 22.10 -21.97
C ARG B 286 18.50 22.27 -21.83
N VAL B 287 18.94 22.57 -20.61
CA VAL B 287 20.36 22.62 -20.33
C VAL B 287 20.93 21.21 -20.40
N VAL B 288 22.04 21.06 -21.12
CA VAL B 288 22.66 19.75 -21.26
C VAL B 288 23.59 19.53 -20.08
N VAL B 289 23.60 18.31 -19.56
CA VAL B 289 24.46 17.92 -18.45
C VAL B 289 25.01 16.53 -18.75
N ASP B 290 26.16 16.24 -18.14
CA ASP B 290 26.77 14.92 -18.25
C ASP B 290 26.31 14.05 -17.08
N GLU B 291 26.99 12.92 -16.89
CA GLU B 291 26.65 12.01 -15.80
C GLU B 291 27.01 12.58 -14.43
N TYR B 292 27.56 13.77 -14.35
CA TYR B 292 27.93 14.38 -13.08
C TYR B 292 27.12 15.65 -12.79
N GLN B 293 26.03 15.88 -13.53
CA GLN B 293 25.23 17.10 -13.44
C GLN B 293 26.02 18.35 -13.79
N ARG B 294 27.13 18.20 -14.52
CA ARG B 294 27.93 19.33 -14.98
C ARG B 294 27.42 19.82 -16.33
N THR B 295 27.27 21.13 -16.48
CA THR B 295 26.98 21.71 -17.79
C THR B 295 28.28 21.83 -18.58
N CYS B 296 28.20 22.45 -19.75
CA CYS B 296 29.42 22.62 -20.56
C CYS B 296 30.23 23.83 -20.13
N ALA B 297 29.63 24.76 -19.37
CA ALA B 297 30.37 25.88 -18.81
C ALA B 297 30.99 25.48 -17.47
N ARG B 298 32.19 26.00 -17.22
CA ARG B 298 32.93 25.63 -16.02
C ARG B 298 32.24 26.17 -14.78
N ASN B 299 32.17 25.33 -13.74
CA ASN B 299 31.57 25.68 -12.44
C ASN B 299 30.09 25.99 -12.54
N VAL B 300 29.39 25.34 -13.48
CA VAL B 300 27.96 25.51 -13.67
C VAL B 300 27.29 24.13 -13.66
N PHE B 301 26.42 23.91 -12.68
CA PHE B 301 25.66 22.66 -12.59
C PHE B 301 24.19 22.92 -12.90
N ALA B 302 23.50 21.84 -13.29
CA ALA B 302 22.06 21.90 -13.54
C ALA B 302 21.40 20.67 -12.95
N LEU B 303 20.11 20.80 -12.63
CA LEU B 303 19.33 19.71 -12.07
C LEU B 303 17.85 20.01 -12.27
N GLY B 304 17.03 18.96 -12.17
CA GLY B 304 15.59 19.12 -12.20
C GLY B 304 15.03 19.13 -13.62
N ASP B 305 13.89 19.82 -13.78
CA ASP B 305 13.22 19.87 -15.08
C ASP B 305 14.05 20.61 -16.12
N VAL B 306 14.94 21.50 -15.68
CA VAL B 306 15.71 22.27 -16.65
C VAL B 306 16.70 21.41 -17.42
N SER B 307 17.02 20.20 -16.94
CA SER B 307 18.05 19.38 -17.58
C SER B 307 17.75 17.89 -17.61
N SER B 308 16.92 17.36 -16.71
CA SER B 308 16.75 15.92 -16.56
C SER B 308 15.83 15.37 -17.63
N PRO B 309 16.03 14.11 -18.05
CA PRO B 309 15.03 13.44 -18.88
C PRO B 309 13.76 13.06 -18.13
N TYR B 310 13.67 13.36 -16.84
CA TYR B 310 12.52 13.04 -16.02
C TYR B 310 12.00 14.30 -15.35
N GLU B 311 10.69 14.53 -15.44
CA GLU B 311 10.03 15.59 -14.69
C GLU B 311 9.36 14.98 -13.45
N LEU B 312 10.22 14.55 -12.52
CA LEU B 312 9.79 13.85 -11.30
C LEU B 312 10.56 14.40 -10.11
N LYS B 313 9.85 14.62 -9.00
CA LYS B 313 10.46 15.24 -7.83
C LYS B 313 11.51 14.32 -7.21
N HIS B 314 11.27 13.00 -7.21
CA HIS B 314 12.27 12.13 -6.59
C HIS B 314 13.52 12.03 -7.45
N VAL B 315 13.43 12.29 -8.75
CA VAL B 315 14.63 12.41 -9.57
C VAL B 315 15.28 13.77 -9.36
N ALA B 316 14.48 14.84 -9.28
CA ALA B 316 15.04 16.16 -9.08
C ALA B 316 15.77 16.26 -7.75
N ASN B 317 15.26 15.58 -6.71
CA ASN B 317 15.93 15.64 -5.41
C ASN B 317 17.24 14.86 -5.42
N HIS B 318 17.27 13.70 -6.08
CA HIS B 318 18.51 12.94 -6.17
C HIS B 318 19.55 13.71 -6.98
N GLU B 319 19.14 14.38 -8.04
CA GLU B 319 20.10 15.14 -8.84
C GLU B 319 20.64 16.32 -8.03
N ALA B 320 19.78 16.94 -7.22
CA ALA B 320 20.26 17.99 -6.32
C ALA B 320 21.24 17.43 -5.31
N ARG B 321 21.02 16.19 -4.85
CA ARG B 321 21.99 15.56 -3.95
C ARG B 321 23.31 15.32 -4.66
N VAL B 322 23.26 14.90 -5.93
CA VAL B 322 24.47 14.75 -6.72
C VAL B 322 25.20 16.08 -6.83
N VAL B 323 24.46 17.15 -7.12
CA VAL B 323 25.07 18.46 -7.21
C VAL B 323 25.63 18.90 -5.86
N GLN B 324 24.92 18.54 -4.78
CA GLN B 324 25.38 18.89 -3.45
C GLN B 324 26.78 18.35 -3.17
N HIS B 325 27.07 17.13 -3.64
CA HIS B 325 28.39 16.56 -3.45
C HIS B 325 29.39 17.12 -4.47
N ASN B 326 29.02 17.14 -5.74
CA ASN B 326 29.96 17.49 -6.80
C ASN B 326 30.34 18.97 -6.79
N LEU B 327 29.59 19.80 -6.07
CA LEU B 327 29.94 21.21 -5.95
C LEU B 327 31.19 21.43 -5.12
N LEU B 328 31.54 20.47 -4.25
CA LEU B 328 32.67 20.57 -3.35
C LEU B 328 33.90 19.85 -3.87
N CYS B 329 34.00 19.64 -5.18
CA CYS B 329 35.18 19.06 -5.79
C CYS B 329 35.66 20.01 -6.88
N ASP B 330 36.94 19.87 -7.24
CA ASP B 330 37.47 20.62 -8.38
C ASP B 330 36.71 20.20 -9.64
N TRP B 331 36.45 21.18 -10.51
CA TRP B 331 35.61 20.95 -11.67
C TRP B 331 36.12 19.80 -12.54
N ASP B 332 37.43 19.55 -12.53
CA ASP B 332 38.03 18.52 -13.38
C ASP B 332 38.26 17.20 -12.66
N ASP B 333 38.09 17.15 -11.33
CA ASP B 333 38.34 15.93 -10.58
C ASP B 333 37.09 15.02 -10.62
N THR B 334 36.85 14.48 -11.81
CA THR B 334 35.65 13.68 -12.04
C THR B 334 35.68 12.36 -11.28
N GLU B 335 36.86 11.85 -10.95
CA GLU B 335 36.93 10.53 -10.32
C GLU B 335 36.66 10.57 -8.82
N SER B 336 36.63 11.74 -8.21
CA SER B 336 36.11 11.92 -6.87
C SER B 336 34.65 12.34 -6.86
N MET B 337 34.05 12.51 -8.03
CA MET B 337 32.67 12.93 -8.17
C MET B 337 31.75 11.71 -8.27
N VAL B 338 30.51 11.88 -7.86
CA VAL B 338 29.52 10.80 -7.93
C VAL B 338 28.67 11.02 -9.18
N MET B 339 28.19 9.94 -9.76
CA MET B 339 27.34 9.99 -10.94
C MET B 339 25.89 9.86 -10.52
N THR B 340 25.01 10.51 -11.27
CA THR B 340 23.57 10.37 -11.01
C THR B 340 23.09 9.02 -11.49
N ASP B 341 22.15 8.45 -10.77
CA ASP B 341 21.64 7.11 -11.06
C ASP B 341 20.21 7.26 -11.57
N HIS B 342 20.02 7.06 -12.86
CA HIS B 342 18.69 7.08 -13.45
C HIS B 342 18.16 5.68 -13.74
N ARG B 343 18.77 4.66 -13.14
CA ARG B 343 18.29 3.30 -13.35
C ARG B 343 17.00 3.10 -12.54
N TYR B 344 16.12 2.27 -13.06
CA TYR B 344 14.86 1.91 -12.41
C TYR B 344 14.15 3.12 -11.79
N VAL B 345 13.77 4.06 -12.64
CA VAL B 345 13.06 5.26 -12.22
C VAL B 345 11.56 4.94 -12.22
N PRO B 346 10.86 5.13 -11.10
CA PRO B 346 9.41 4.87 -11.07
C PRO B 346 8.56 6.12 -11.19
N SER B 347 7.29 5.92 -11.50
CA SER B 347 6.37 7.04 -11.61
C SER B 347 4.96 6.53 -11.35
N ALA B 348 4.07 7.47 -11.03
CA ALA B 348 2.68 7.12 -10.77
C ALA B 348 1.78 8.24 -11.24
N VAL B 349 0.58 7.89 -11.65
CA VAL B 349 -0.45 8.85 -12.04
C VAL B 349 -1.62 8.71 -11.08
N PHE B 350 -1.90 9.76 -10.33
CA PHE B 350 -2.95 9.72 -9.32
C PHE B 350 -4.29 10.06 -9.97
N THR B 351 -4.72 9.12 -10.81
CA THR B 351 -6.01 9.13 -11.47
C THR B 351 -6.88 8.00 -10.91
N ASP B 352 -8.02 7.80 -11.53
CA ASP B 352 -8.91 6.68 -11.26
C ASP B 352 -9.10 5.92 -12.56
N PRO B 353 -8.65 4.67 -12.65
CA PRO B 353 -7.88 3.95 -11.62
C PRO B 353 -6.46 4.47 -11.55
N PRO B 354 -5.82 4.40 -10.37
CA PRO B 354 -4.44 4.85 -10.24
C PRO B 354 -3.51 3.99 -11.08
N VAL B 355 -2.40 4.61 -11.51
CA VAL B 355 -1.42 3.92 -12.35
C VAL B 355 -0.04 4.14 -11.76
N ALA B 356 0.78 3.09 -11.78
CA ALA B 356 2.17 3.21 -11.37
C ALA B 356 3.00 2.21 -12.15
N SER B 357 4.26 2.57 -12.41
CA SER B 357 5.11 1.76 -13.29
C SER B 357 6.57 1.94 -12.92
N VAL B 358 7.37 0.92 -13.23
CA VAL B 358 8.83 1.00 -13.15
C VAL B 358 9.43 -0.04 -14.09
N GLY B 359 10.55 0.31 -14.71
CA GLY B 359 11.20 -0.59 -15.63
C GLY B 359 10.62 -0.48 -17.03
N MET B 360 10.84 -1.54 -17.81
CA MET B 360 10.45 -1.55 -19.22
C MET B 360 9.01 -2.02 -19.39
N THR B 361 8.38 -1.54 -20.46
CA THR B 361 7.14 -2.11 -20.92
C THR B 361 7.40 -3.47 -21.56
N GLU B 362 6.31 -4.17 -21.89
CA GLU B 362 6.46 -5.45 -22.58
C GLU B 362 7.13 -5.26 -23.93
N ASN B 363 6.68 -4.26 -24.69
CA ASN B 363 7.25 -4.04 -26.01
C ASN B 363 8.72 -3.67 -25.93
N GLN B 364 9.11 -2.91 -24.91
CA GLN B 364 10.50 -2.51 -24.78
C GLN B 364 11.41 -3.71 -24.54
N ALA B 365 10.92 -4.70 -23.79
CA ALA B 365 11.77 -5.84 -23.43
C ALA B 365 12.01 -6.76 -24.63
N VAL B 366 10.98 -7.01 -25.44
CA VAL B 366 11.18 -7.84 -26.62
C VAL B 366 12.11 -7.14 -27.60
N ALA B 367 11.96 -5.82 -27.75
CA ALA B 367 12.81 -5.04 -28.65
C ALA B 367 14.27 -5.09 -28.21
N LYS B 368 14.54 -5.43 -26.95
CA LYS B 368 15.89 -5.62 -26.46
C LYS B 368 16.34 -7.08 -26.53
N GLY B 369 15.61 -7.92 -27.25
CA GLY B 369 16.02 -9.30 -27.43
C GLY B 369 15.91 -10.14 -26.18
N PHE B 370 14.92 -9.88 -25.35
CA PHE B 370 14.72 -10.63 -24.12
C PHE B 370 13.73 -11.75 -24.36
N ASP B 371 14.05 -12.93 -23.86
CA ASP B 371 13.08 -14.02 -23.79
C ASP B 371 12.28 -13.81 -22.52
N ILE B 372 11.02 -13.35 -22.66
CA ILE B 372 10.29 -12.79 -21.52
C ILE B 372 9.26 -13.78 -21.00
N LEU B 373 9.07 -13.72 -19.68
CA LEU B 373 7.88 -14.23 -19.02
C LEU B 373 6.99 -13.04 -18.69
N CYS B 374 5.68 -13.25 -18.77
CA CYS B 374 4.73 -12.16 -18.58
C CYS B 374 3.52 -12.67 -17.81
N ALA B 375 2.89 -11.78 -17.07
CA ALA B 375 1.66 -12.11 -16.36
C ALA B 375 0.83 -10.85 -16.18
N ILE B 376 -0.49 -11.02 -16.30
CA ILE B 376 -1.46 -9.98 -15.94
C ILE B 376 -2.35 -10.59 -14.87
N GLN B 377 -2.36 -9.97 -13.68
CA GLN B 377 -3.06 -10.50 -12.52
C GLN B 377 -4.21 -9.58 -12.16
N ASP B 378 -5.41 -10.13 -12.11
CA ASP B 378 -6.58 -9.36 -11.71
C ASP B 378 -6.65 -9.21 -10.19
N TYR B 379 -7.02 -8.00 -9.75
CA TYR B 379 -7.28 -7.79 -8.33
C TYR B 379 -8.38 -8.73 -7.84
N GLY B 380 -9.39 -8.98 -8.68
CA GLY B 380 -10.52 -9.81 -8.30
C GLY B 380 -10.18 -11.27 -8.11
N ASP B 381 -8.99 -11.69 -8.49
CA ASP B 381 -8.52 -13.05 -8.27
C ASP B 381 -7.75 -13.20 -6.96
N VAL B 382 -7.87 -12.22 -6.07
CA VAL B 382 -7.14 -12.20 -4.81
C VAL B 382 -8.09 -11.72 -3.73
N ALA B 383 -7.90 -12.23 -2.51
CA ALA B 383 -8.92 -12.09 -1.46
C ALA B 383 -9.25 -10.63 -1.18
N TYR B 384 -8.24 -9.76 -1.15
CA TYR B 384 -8.49 -8.34 -0.94
C TYR B 384 -9.33 -7.76 -2.08
N GLY B 385 -9.22 -8.33 -3.28
CA GLY B 385 -10.06 -7.88 -4.38
C GLY B 385 -11.52 -8.25 -4.21
N TRP B 386 -11.79 -9.38 -3.56
CA TRP B 386 -13.17 -9.75 -3.25
C TRP B 386 -13.80 -8.71 -2.32
N ALA B 387 -13.09 -8.35 -1.25
CA ALA B 387 -13.59 -7.32 -0.34
C ALA B 387 -13.81 -5.99 -1.06
N MET B 388 -13.11 -5.76 -2.17
CA MET B 388 -13.32 -4.55 -2.92
C MET B 388 -14.40 -4.70 -3.99
N GLU B 389 -14.80 -5.93 -4.31
CA GLU B 389 -15.63 -6.20 -5.48
C GLU B 389 -14.99 -5.60 -6.73
N ASP B 390 -13.67 -5.79 -6.82
CA ASP B 390 -12.88 -5.16 -7.88
C ASP B 390 -12.99 -5.95 -9.17
N THR B 391 -13.19 -5.22 -10.29
CA THR B 391 -13.28 -5.84 -11.60
C THR B 391 -12.32 -5.26 -12.63
N THR B 392 -11.60 -4.19 -12.32
CA THR B 392 -10.73 -3.53 -13.28
C THR B 392 -9.26 -3.51 -12.90
N GLY B 393 -8.93 -3.66 -11.62
CA GLY B 393 -7.53 -3.55 -11.20
C GLY B 393 -6.68 -4.69 -11.73
N ILE B 394 -5.46 -4.34 -12.16
CA ILE B 394 -4.52 -5.31 -12.70
C ILE B 394 -3.10 -4.98 -12.26
N VAL B 395 -2.25 -6.00 -12.31
CA VAL B 395 -0.81 -5.89 -12.09
C VAL B 395 -0.12 -6.65 -13.22
N LYS B 396 0.78 -5.98 -13.92
CA LYS B 396 1.51 -6.59 -15.02
C LYS B 396 2.99 -6.63 -14.68
N ILE B 397 3.60 -7.80 -14.79
CA ILE B 397 5.01 -7.99 -14.48
C ILE B 397 5.68 -8.68 -15.67
N ILE B 398 6.84 -8.18 -16.07
CA ILE B 398 7.63 -8.76 -17.14
C ILE B 398 8.98 -9.19 -16.58
N ALA B 399 9.38 -10.43 -16.89
CA ALA B 399 10.63 -10.99 -16.38
C ALA B 399 11.34 -11.74 -17.48
N GLU B 400 12.67 -11.86 -17.33
CA GLU B 400 13.48 -12.64 -18.26
C GLU B 400 13.30 -14.13 -17.98
N ARG B 401 13.14 -14.91 -19.04
CA ARG B 401 12.82 -16.33 -18.90
C ARG B 401 13.96 -17.10 -18.24
N GLY B 402 15.20 -16.79 -18.61
CA GLY B 402 16.33 -17.53 -18.07
C GLY B 402 16.54 -17.41 -16.58
N SER B 403 16.93 -16.21 -16.14
CA SER B 403 17.35 -15.98 -14.77
C SER B 403 16.20 -15.67 -13.81
N GLY B 404 15.05 -15.26 -14.34
CA GLY B 404 14.00 -14.73 -13.50
C GLY B 404 14.17 -13.28 -13.14
N ARG B 405 15.09 -12.57 -13.79
CA ARG B 405 15.32 -11.16 -13.52
C ARG B 405 14.06 -10.35 -13.82
N LEU B 406 13.76 -9.40 -12.95
CA LEU B 406 12.60 -8.53 -13.13
C LEU B 406 12.95 -7.40 -14.08
N LEU B 407 12.16 -7.23 -15.14
CA LEU B 407 12.43 -6.23 -16.16
C LEU B 407 11.48 -5.04 -16.13
N GLY B 408 10.22 -5.25 -15.78
CA GLY B 408 9.27 -4.16 -15.71
C GLY B 408 8.02 -4.60 -14.95
N ALA B 409 7.35 -3.62 -14.35
CA ALA B 409 6.10 -3.86 -13.63
C ALA B 409 5.20 -2.65 -13.79
N HIS B 410 3.92 -2.89 -14.04
CA HIS B 410 2.97 -1.81 -14.31
C HIS B 410 1.64 -2.15 -13.65
N ILE B 411 1.15 -1.24 -12.80
CA ILE B 411 -0.05 -1.48 -12.02
C ILE B 411 -1.08 -0.42 -12.40
N MET B 412 -2.31 -0.87 -12.61
CA MET B 412 -3.48 0.00 -12.76
C MET B 412 -4.49 -0.50 -11.73
N GLY B 413 -4.67 0.26 -10.65
CA GLY B 413 -5.62 -0.14 -9.64
C GLY B 413 -5.40 0.57 -8.32
N HIS B 414 -6.18 0.13 -7.34
CA HIS B 414 -6.16 0.73 -6.01
C HIS B 414 -4.77 0.64 -5.39
N GLN B 415 -4.32 1.75 -4.81
CA GLN B 415 -3.04 1.84 -4.11
C GLN B 415 -1.85 1.49 -4.99
N ALA B 416 -1.94 1.83 -6.28
CA ALA B 416 -0.90 1.46 -7.23
C ALA B 416 0.47 1.99 -6.82
N SER B 417 0.55 3.27 -6.46
CA SER B 417 1.82 3.86 -6.05
C SER B 417 2.35 3.28 -4.74
N SER B 418 1.54 2.50 -4.01
CA SER B 418 2.00 1.85 -2.79
C SER B 418 2.53 0.46 -3.08
N ILE B 419 1.70 -0.40 -3.65
CA ILE B 419 2.02 -1.82 -3.76
C ILE B 419 3.09 -2.08 -4.82
N ILE B 420 3.50 -1.03 -5.53
CA ILE B 420 4.59 -1.19 -6.48
C ILE B 420 5.97 -1.08 -5.82
N GLN B 421 6.04 -0.49 -4.63
CA GLN B 421 7.34 -0.30 -3.98
C GLN B 421 8.16 -1.57 -3.83
N PRO B 422 7.60 -2.73 -3.46
CA PRO B 422 8.44 -3.95 -3.43
C PRO B 422 9.03 -4.33 -4.77
N LEU B 423 8.32 -4.05 -5.87
CA LEU B 423 8.88 -4.36 -7.19
C LEU B 423 10.00 -3.40 -7.55
N ILE B 424 9.88 -2.12 -7.16
CA ILE B 424 10.98 -1.18 -7.32
C ILE B 424 12.21 -1.69 -6.56
N GLN B 425 12.01 -2.10 -5.30
CA GLN B 425 13.12 -2.58 -4.47
C GLN B 425 13.79 -3.79 -5.11
N ALA B 426 12.99 -4.77 -5.53
CA ALA B 426 13.54 -5.99 -6.11
C ALA B 426 14.38 -5.69 -7.35
N MET B 427 13.90 -4.82 -8.24
CA MET B 427 14.66 -4.51 -9.44
C MET B 427 15.95 -3.78 -9.11
N SER B 428 15.89 -2.82 -8.18
CA SER B 428 17.08 -2.07 -7.82
C SER B 428 18.13 -2.93 -7.12
N PHE B 429 17.76 -4.11 -6.60
CA PHE B 429 18.71 -4.93 -5.86
C PHE B 429 18.83 -6.34 -6.43
N GLY B 430 18.35 -6.57 -7.65
CA GLY B 430 18.61 -7.82 -8.32
C GLY B 430 17.92 -9.04 -7.74
N LEU B 431 16.82 -8.85 -7.04
CA LEU B 431 16.02 -9.99 -6.58
C LEU B 431 15.28 -10.59 -7.76
N THR B 432 15.34 -11.91 -7.89
CA THR B 432 14.63 -12.57 -8.99
C THR B 432 13.15 -12.74 -8.63
N ALA B 433 12.36 -13.15 -9.63
CA ALA B 433 10.94 -13.38 -9.39
C ALA B 433 10.71 -14.57 -8.48
N GLN B 434 11.55 -15.60 -8.57
CA GLN B 434 11.40 -16.77 -7.73
C GLN B 434 11.63 -16.42 -6.26
N GLN B 435 12.74 -15.78 -5.95
CA GLN B 435 13.02 -15.38 -4.57
C GLN B 435 11.93 -14.46 -4.04
N MET B 436 11.53 -13.47 -4.85
CA MET B 436 10.54 -12.50 -4.38
C MET B 436 9.20 -13.15 -4.07
N ALA B 437 8.83 -14.16 -4.87
CA ALA B 437 7.51 -14.77 -4.69
C ALA B 437 7.48 -15.66 -3.45
N ARG B 438 8.50 -16.50 -3.27
CA ARG B 438 8.44 -17.53 -2.24
C ARG B 438 9.60 -17.51 -1.26
N GLY B 439 10.53 -16.56 -1.35
CA GLY B 439 11.56 -16.38 -0.36
C GLY B 439 11.17 -15.44 0.77
N GLN B 440 9.89 -15.11 0.87
CA GLN B 440 9.38 -14.18 1.86
C GLN B 440 7.90 -14.44 2.05
N TYR B 441 7.39 -14.02 3.21
CA TYR B 441 5.98 -14.13 3.50
C TYR B 441 5.22 -12.93 2.96
N TRP B 442 3.96 -13.16 2.63
CA TRP B 442 3.01 -12.12 2.24
C TRP B 442 1.83 -12.18 3.20
N ILE B 443 1.44 -11.04 3.76
CA ILE B 443 0.36 -11.03 4.74
C ILE B 443 -0.96 -11.39 4.06
N HIS B 444 -1.62 -12.41 4.58
CA HIS B 444 -2.95 -12.77 4.16
C HIS B 444 -3.99 -12.08 5.04
N PRO B 445 -5.07 -11.52 4.46
CA PRO B 445 -5.34 -11.37 3.03
C PRO B 445 -5.14 -9.90 2.62
N ALA B 446 -3.91 -9.40 2.70
CA ALA B 446 -3.62 -8.01 2.39
C ALA B 446 -3.50 -7.78 0.88
N LEU B 447 -3.55 -6.51 0.49
CA LEU B 447 -3.51 -6.18 -0.93
C LEU B 447 -2.24 -6.68 -1.64
N PRO B 448 -1.04 -6.64 -1.03
CA PRO B 448 0.15 -7.11 -1.76
C PRO B 448 0.05 -8.54 -2.26
N GLU B 449 -0.97 -9.31 -1.85
CA GLU B 449 -1.15 -10.65 -2.40
C GLU B 449 -1.35 -10.61 -3.91
N VAL B 450 -1.83 -9.49 -4.44
CA VAL B 450 -2.02 -9.39 -5.87
C VAL B 450 -0.66 -9.37 -6.58
N VAL B 451 0.36 -8.79 -5.95
CA VAL B 451 1.70 -8.81 -6.53
C VAL B 451 2.30 -10.21 -6.43
N GLU B 452 2.12 -10.87 -5.28
CA GLU B 452 2.66 -12.21 -5.09
C GLU B 452 2.14 -13.17 -6.15
N ASN B 453 0.82 -13.18 -6.37
CA ASN B 453 0.25 -14.11 -7.34
C ASN B 453 0.63 -13.74 -8.77
N ALA B 454 0.95 -12.48 -9.03
CA ALA B 454 1.44 -12.10 -10.35
C ALA B 454 2.80 -12.71 -10.63
N LEU B 455 3.68 -12.77 -9.62
CA LEU B 455 4.98 -13.39 -9.83
C LEU B 455 4.86 -14.90 -10.03
N LEU B 456 3.90 -15.54 -9.35
CA LEU B 456 3.72 -16.98 -9.46
C LEU B 456 3.11 -17.41 -10.79
N ASN B 457 2.48 -16.48 -11.51
CA ASN B 457 1.82 -16.75 -12.77
C ASN B 457 2.60 -16.25 -14.01
N LEU B 458 3.89 -15.96 -13.86
CA LEU B 458 4.74 -15.58 -14.98
C LEU B 458 4.80 -16.78 -15.93
N ARG B 459 4.39 -16.65 -17.19
CA ARG B 459 4.29 -17.94 -17.82
C ARG B 459 5.18 -17.62 -19.06
PA FAD C . -8.70 -24.71 9.62
O1A FAD C . -8.91 -23.84 8.44
O2A FAD C . -9.60 -24.39 10.80
O5B FAD C . -8.85 -26.24 9.21
C5B FAD C . -9.38 -27.22 10.12
C4B FAD C . -10.59 -27.88 9.50
O4B FAD C . -10.64 -29.27 9.86
C3B FAD C . -11.93 -27.28 9.95
O3B FAD C . -12.84 -27.25 8.85
C2B FAD C . -12.38 -28.24 11.04
O2B FAD C . -13.79 -28.26 11.17
C1B FAD C . -11.86 -29.57 10.50
N9A FAD C . -11.62 -30.60 11.52
C8A FAD C . -11.03 -30.41 12.73
N7A FAD C . -10.90 -31.50 13.44
C5A FAD C . -11.45 -32.49 12.64
C6A FAD C . -11.64 -33.87 12.80
N6A FAD C . -11.26 -34.54 13.91
N1A FAD C . -12.22 -34.56 11.80
C2A FAD C . -12.59 -33.90 10.70
N3A FAD C . -12.47 -32.59 10.43
C4A FAD C . -11.89 -31.94 11.44
N1 FAD C . -5.05 -15.41 9.57
C2 FAD C . -4.43 -14.53 8.73
O2 FAD C . -3.32 -14.76 8.22
N3 FAD C . -5.05 -13.33 8.42
C4 FAD C . -6.28 -12.91 8.87
O4 FAD C . -6.73 -11.82 8.53
C4X FAD C . -6.93 -13.86 9.76
N5 FAD C . -8.11 -13.54 10.25
C5X FAD C . -8.73 -14.44 11.11
C6 FAD C . -9.98 -14.12 11.64
C7 FAD C . -10.64 -15.00 12.50
C7M FAD C . -11.98 -14.62 13.06
C8 FAD C . -10.03 -16.22 12.84
C8M FAD C . -10.71 -17.20 13.76
C9 FAD C . -8.78 -16.54 12.31
C9A FAD C . -8.13 -15.67 11.45
N10 FAD C . -6.86 -15.96 10.91
C10 FAD C . -6.24 -15.08 10.05
C1' FAD C . -6.20 -17.22 11.21
C2' FAD C . -6.42 -18.27 10.12
O2' FAD C . -7.79 -18.33 9.77
C3' FAD C . -5.95 -19.64 10.62
O3' FAD C . -4.55 -19.55 10.92
C4' FAD C . -6.16 -20.74 9.59
O4' FAD C . -7.55 -20.88 9.31
C5' FAD C . -5.57 -22.06 10.00
O5' FAD C . -5.75 -23.00 8.93
P FAD C . -5.89 -24.53 9.20
O1P FAD C . -6.15 -25.29 7.90
O2P FAD C . -4.69 -24.87 10.01
O3P FAD C . -7.20 -24.62 10.10
PA NAP D . -5.51 -13.60 20.90
O1A NAP D . -4.55 -14.63 21.40
O2A NAP D . -5.06 -12.71 19.77
O5B NAP D . -6.01 -12.68 22.12
C5B NAP D . -6.79 -13.34 23.15
C4B NAP D . -7.39 -12.33 24.10
O4B NAP D . -8.32 -13.05 24.97
C3B NAP D . -6.42 -11.62 25.05
O3B NAP D . -6.86 -10.28 25.26
C2B NAP D . -6.53 -12.46 26.32
O2B NAP D . -6.19 -11.78 27.52
C1B NAP D . -8.03 -12.74 26.31
N9A NAP D . -8.40 -13.90 27.12
C8A NAP D . -7.94 -15.18 26.96
N7A NAP D . -8.43 -16.02 27.83
C5A NAP D . -9.26 -15.24 28.63
C6A NAP D . -10.06 -15.55 29.75
N6A NAP D . -10.17 -16.77 30.26
N1A NAP D . -10.76 -14.54 30.32
C2A NAP D . -10.64 -13.32 29.79
N3A NAP D . -9.91 -12.90 28.76
C4A NAP D . -9.24 -13.93 28.20
O3 NAP D . -6.89 -14.32 20.50
PN NAP D . -8.03 -13.94 19.45
O1N NAP D . -9.26 -14.73 19.74
O2N NAP D . -8.10 -12.45 19.38
O5D NAP D . -7.35 -14.52 18.11
C5D NAP D . -7.15 -15.95 18.03
C4D NAP D . -6.02 -16.27 17.09
O4D NAP D . -6.37 -15.89 15.74
C3D NAP D . -4.66 -15.59 17.39
O3D NAP D . -3.58 -16.49 17.20
C2D NAP D . -4.63 -14.43 16.39
O2D NAP D . -3.32 -14.07 15.98
C1D NAP D . -5.38 -15.03 15.20
N1N NAP D . -6.06 -13.98 14.40
C2N NAP D . -5.35 -13.30 13.45
C3N NAP D . -5.97 -12.28 12.72
C7N NAP D . -5.16 -11.57 11.67
O7N NAP D . -3.99 -11.94 11.47
N7N NAP D . -5.72 -10.56 11.01
C4N NAP D . -7.30 -11.95 12.97
C5N NAP D . -7.99 -12.65 13.94
C6N NAP D . -7.37 -13.65 14.66
P2B NAP D . -4.64 -11.98 27.92
O1X NAP D . -4.48 -11.25 29.25
O2X NAP D . -3.80 -11.36 26.81
O3X NAP D . -4.41 -13.48 28.05
PA FAD E . 10.78 23.95 -9.82
O1A FAD E . 10.22 23.42 -8.56
O2A FAD E . 9.77 24.54 -10.82
O5B FAD E . 11.86 25.04 -9.51
C5B FAD E . 12.02 26.20 -10.37
C4B FAD E . 11.81 27.46 -9.57
O4B FAD E . 12.72 28.49 -10.02
C3B FAD E . 10.42 28.07 -9.66
O3B FAD E . 10.07 28.64 -8.39
C2B FAD E . 10.57 29.12 -10.76
O2B FAD E . 9.66 30.20 -10.57
C1B FAD E . 12.00 29.60 -10.52
N9A FAD E . 12.68 30.10 -11.71
C8A FAD E . 12.65 29.53 -12.97
N7A FAD E . 13.36 30.16 -13.86
C5A FAD E . 13.91 31.22 -13.16
C6A FAD E . 14.78 32.27 -13.54
N6A FAD E . 15.26 32.43 -14.77
N1A FAD E . 15.14 33.15 -12.58
C2A FAD E . 14.67 33.00 -11.34
N3A FAD E . 13.85 32.05 -10.87
C4A FAD E . 13.51 31.19 -11.83
N1 FAD E . 6.41 15.04 -9.61
C2 FAD E . 6.32 13.95 -8.79
O2 FAD E . 7.31 13.28 -8.46
N3 FAD E . 5.09 13.57 -8.29
C4 FAD E . 3.88 14.19 -8.54
O4 FAD E . 2.86 13.75 -8.05
C4X FAD E . 3.98 15.35 -9.42
N5 FAD E . 2.88 15.99 -9.70
C5X FAD E . 2.98 17.09 -10.53
C6 FAD E . 1.82 17.79 -10.84
C7 FAD E . 1.85 18.91 -11.67
C7M FAD E . 0.57 19.64 -11.99
C8 FAD E . 3.08 19.34 -12.21
C8M FAD E . 3.16 20.54 -13.11
C9 FAD E . 4.25 18.64 -11.89
C9A FAD E . 4.20 17.52 -11.07
N10 FAD E . 5.36 16.80 -10.74
C10 FAD E . 5.29 15.70 -9.90
C1' FAD E . 6.66 17.21 -11.25
C2' FAD E . 7.43 18.06 -10.25
O2' FAD E . 6.60 19.11 -9.76
C3' FAD E . 8.68 18.63 -10.91
O3' FAD E . 9.44 17.55 -11.47
C4' FAD E . 9.55 19.40 -9.91
O4' FAD E . 8.87 20.59 -9.52
C5' FAD E . 10.93 19.73 -10.42
O5' FAD E . 11.57 20.60 -9.47
P FAD E . 12.54 21.74 -9.94
O1P FAD E . 13.24 22.40 -8.74
O2P FAD E . 13.40 21.14 -10.97
O3P FAD E . 11.56 22.80 -10.59
PA NAP F . 2.84 14.97 -20.44
O1A NAP F . 4.16 14.91 -21.13
O2A NAP F . 2.56 14.02 -19.34
O5B NAP F . 1.67 14.86 -21.54
C5B NAP F . 1.52 15.92 -22.53
C4B NAP F . 0.23 15.73 -23.28
O4B NAP F . 0.00 16.93 -24.10
C3B NAP F . 0.18 14.55 -24.27
O3B NAP F . -1.11 13.97 -24.27
C2B NAP F . 0.46 15.25 -25.60
O2B NAP F . -0.02 14.54 -26.74
C1B NAP F . -0.33 16.52 -25.40
N9A NAP F . 0.04 17.57 -26.34
C8A NAP F . 1.30 18.06 -26.59
N7A NAP F . 1.33 19.01 -27.49
C5A NAP F . -0.01 19.16 -27.86
C6A NAP F . -0.64 20.01 -28.78
N6A NAP F . 0.01 20.91 -29.53
N1A NAP F . -1.99 19.91 -28.91
C2A NAP F . -2.63 19.01 -28.16
N3A NAP F . -2.13 18.17 -27.26
C4A NAP F . -0.80 18.28 -27.17
O3 NAP F . 2.60 16.47 -19.93
PN NAP F . 1.75 17.04 -18.70
O1N NAP F . 1.54 18.52 -18.84
O2N NAP F . 0.55 16.17 -18.52
O5D NAP F . 2.81 16.77 -17.54
C5D NAP F . 4.03 17.54 -17.62
C4D NAP F . 5.15 16.79 -16.94
O4D NAP F . 4.89 16.68 -15.53
C3D NAP F . 5.41 15.37 -17.46
O3D NAP F . 6.80 15.10 -17.58
C2D NAP F . 4.76 14.47 -16.39
O2D NAP F . 5.42 13.23 -16.24
C1D NAP F . 4.97 15.31 -15.13
N1N NAP F . 3.92 15.04 -14.13
C2N NAP F . 4.07 14.00 -13.24
C3N NAP F . 3.06 13.72 -12.33
C7N NAP F . 3.29 12.60 -11.36
O7N NAP F . 4.36 11.98 -11.37
N7N NAP F . 2.30 12.29 -10.53
C4N NAP F . 1.91 14.47 -12.32
C5N NAP F . 1.76 15.51 -13.22
C6N NAP F . 2.76 15.78 -14.13
P2B NAP F . 1.13 13.59 -27.36
O1X NAP F . 1.38 12.47 -26.37
O2X NAP F . 2.35 14.49 -27.54
O3X NAP F . 0.59 13.08 -28.68
#